data_7NSW
#
_entry.id   7NSW
#
_cell.length_a   82.170
_cell.length_b   119.940
_cell.length_c   62.040
_cell.angle_alpha   90.000
_cell.angle_beta   90.000
_cell.angle_gamma   90.000
#
_symmetry.space_group_name_H-M   'P 21 21 2'
#
loop_
_entity.id
_entity.type
_entity.pdbx_description
1 polymer 'TRAP dicarboxylate transporter-DctP subunit'
2 non-polymer 1,2-ETHANEDIOL
3 non-polymer "4'-HYDROXYCINNAMIC ACID"
4 non-polymer 'MAGNESIUM ION'
5 water water
#
_entity_poly.entity_id   1
_entity_poly.type   'polypeptide(L)'
_entity_poly.pdbx_seq_one_letter_code
;MQEAEYTLRLHHFFPASAPVHQEYFLPWKEAIEKESDGRLAVELYPSMQLGGTPPSLYDQAKDGQVDIIWTVLGYNSGRF
PRAEVFDLPFLPTSGAATSQAAHEYAMTHMQDELEGVYPIAVHTHSPGALHTKETRIEALEDIEGLKMRGPSRLVNRYLA
KLGAEPIGMPVAQALEALSRGVLDGTVIPFEAITAMGLADITTEHTIFSGDRALYTTMMIVAMDQDKYDALPEDLQPIID
AHAGGREAYRIGQIMDQADHRQILAIQSGEQPGTITRLGSEETARWQAVGQEVVDEWIAEAEEKGLDGQMLYDDATRLVE
RYTRAAALEHHHHHH
;
_entity_poly.pdbx_strand_id   AAA,BBB
#
loop_
_chem_comp.id
_chem_comp.type
_chem_comp.name
_chem_comp.formula
EDO non-polymer 1,2-ETHANEDIOL 'C2 H6 O2'
HC4 non-polymer '4'-HYDROXYCINNAMIC ACID' 'C9 H8 O3'
MG non-polymer 'MAGNESIUM ION' 'Mg 2'
#
# COMPACT_ATOMS: atom_id res chain seq x y z
N GLU A 3 10.50 47.55 -13.26
CA GLU A 3 11.69 47.77 -14.15
C GLU A 3 12.81 46.83 -13.71
N ALA A 4 12.93 45.65 -14.32
CA ALA A 4 13.84 44.57 -13.85
C ALA A 4 15.28 45.06 -13.92
N GLU A 5 15.97 45.01 -12.77
CA GLU A 5 17.41 45.36 -12.64
C GLU A 5 18.24 44.10 -12.88
N TYR A 6 17.81 42.96 -12.35
CA TYR A 6 18.41 41.63 -12.56
C TYR A 6 17.31 40.61 -12.83
N THR A 7 17.57 39.71 -13.80
CA THR A 7 16.66 38.62 -14.19
C THR A 7 17.31 37.28 -13.76
N LEU A 8 16.64 36.54 -12.88
CA LEU A 8 17.16 35.23 -12.42
C LEU A 8 16.49 34.10 -13.22
N ARG A 9 17.27 33.34 -13.99
CA ARG A 9 16.72 32.19 -14.79
C ARG A 9 16.77 30.96 -13.90
N LEU A 10 15.64 30.36 -13.55
CA LEU A 10 15.60 29.10 -12.76
C LEU A 10 15.32 27.93 -13.70
N HIS A 11 16.16 26.90 -13.67
CA HIS A 11 16.14 25.76 -14.62
C HIS A 11 16.00 24.45 -13.84
N HIS A 12 15.03 23.61 -14.20
CA HIS A 12 14.94 22.26 -13.61
C HIS A 12 14.36 21.23 -14.58
N PHE A 13 14.39 19.98 -14.14
CA PHE A 13 14.22 18.75 -14.95
C PHE A 13 12.74 18.31 -15.01
N PHE A 14 11.81 18.90 -14.28
CA PHE A 14 10.44 18.38 -14.08
C PHE A 14 9.49 19.23 -14.92
N PRO A 15 8.28 18.72 -15.21
CA PRO A 15 7.31 19.51 -15.96
C PRO A 15 6.73 20.65 -15.11
N ALA A 16 6.15 21.66 -15.73
CA ALA A 16 5.56 22.81 -15.00
C ALA A 16 4.42 22.33 -14.10
N SER A 17 3.73 21.27 -14.50
CA SER A 17 2.58 20.68 -13.76
C SER A 17 3.02 19.92 -12.49
N ALA A 18 4.31 19.68 -12.27
CA ALA A 18 4.81 19.01 -11.04
C ALA A 18 4.40 19.81 -9.79
N PRO A 19 3.97 19.12 -8.71
CA PRO A 19 3.66 19.78 -7.44
C PRO A 19 4.68 20.83 -6.97
N VAL A 20 5.97 20.51 -6.95
CA VAL A 20 6.99 21.49 -6.45
C VAL A 20 7.04 22.74 -7.37
N HIS A 21 6.77 22.61 -8.68
CA HIS A 21 6.72 23.80 -9.56
C HIS A 21 5.47 24.62 -9.22
N GLN A 22 4.30 23.99 -9.19
CA GLN A 22 3.02 24.68 -8.95
C GLN A 22 2.96 25.31 -7.55
N GLU A 23 3.44 24.59 -6.52
CA GLU A 23 3.17 24.96 -5.10
C GLU A 23 4.38 25.67 -4.47
N TYR A 24 5.61 25.51 -5.01
CA TYR A 24 6.80 26.24 -4.51
C TYR A 24 7.37 27.24 -5.52
N PHE A 25 7.85 26.80 -6.70
CA PHE A 25 8.54 27.73 -7.64
C PHE A 25 7.62 28.88 -8.08
N LEU A 26 6.34 28.64 -8.35
CA LEU A 26 5.45 29.76 -8.78
C LEU A 26 5.27 30.77 -7.63
N PRO A 27 4.87 30.38 -6.40
CA PRO A 27 4.83 31.33 -5.28
C PRO A 27 6.19 31.96 -4.95
N TRP A 28 7.31 31.24 -5.15
CA TRP A 28 8.65 31.82 -4.87
C TRP A 28 8.89 32.97 -5.82
N LYS A 29 8.63 32.76 -7.12
CA LYS A 29 8.76 33.81 -8.15
C LYS A 29 7.86 34.99 -7.75
N GLU A 30 6.62 34.73 -7.34
CA GLU A 30 5.66 35.82 -7.00
C GLU A 30 6.23 36.63 -5.83
N ALA A 31 6.66 35.96 -4.75
CA ALA A 31 7.26 36.61 -3.55
C ALA A 31 8.48 37.47 -3.93
N ILE A 32 9.44 36.92 -4.70
CA ILE A 32 10.70 37.65 -5.06
C ILE A 32 10.34 38.84 -5.96
N GLU A 33 9.45 38.66 -6.92
CA GLU A 33 9.06 39.78 -7.81
C GLU A 33 8.32 40.85 -7.02
N LYS A 34 7.39 40.49 -6.14
CA LYS A 34 6.57 41.48 -5.41
C LYS A 34 7.46 42.22 -4.39
N GLU A 35 8.23 41.50 -3.59
CA GLU A 35 8.96 42.14 -2.47
C GLU A 35 10.12 43.00 -2.99
N SER A 36 10.66 42.74 -4.17
CA SER A 36 11.74 43.56 -4.79
C SER A 36 11.15 44.75 -5.56
N ASP A 37 9.82 44.89 -5.58
CA ASP A 37 9.12 45.98 -6.32
C ASP A 37 9.37 45.87 -7.82
N GLY A 38 9.73 44.68 -8.32
CA GLY A 38 9.98 44.41 -9.75
C GLY A 38 11.44 44.49 -10.13
N ARG A 39 12.34 44.84 -9.20
CA ARG A 39 13.78 45.00 -9.49
C ARG A 39 14.40 43.62 -9.71
N LEU A 40 13.78 42.56 -9.17
CA LEU A 40 14.18 41.17 -9.46
C LEU A 40 13.05 40.52 -10.27
N ALA A 41 13.35 40.06 -11.49
CA ALA A 41 12.49 39.18 -12.30
C ALA A 41 12.99 37.74 -12.10
N VAL A 42 12.08 36.78 -12.00
CA VAL A 42 12.40 35.34 -11.89
C VAL A 42 11.71 34.64 -13.07
N GLU A 43 12.49 34.03 -13.95
CA GLU A 43 11.97 33.28 -15.12
C GLU A 43 12.14 31.78 -14.86
N LEU A 44 11.04 31.03 -14.91
CA LEU A 44 11.03 29.57 -14.64
C LEU A 44 11.14 28.80 -15.95
N TYR A 45 12.09 27.86 -16.02
CA TYR A 45 12.33 27.02 -17.21
C TYR A 45 12.24 25.56 -16.79
N PRO A 46 11.06 24.93 -16.88
CA PRO A 46 10.92 23.50 -16.54
C PRO A 46 11.38 22.58 -17.66
N SER A 47 11.36 21.26 -17.42
CA SER A 47 11.54 20.24 -18.49
C SER A 47 12.85 20.47 -19.25
N MET A 48 13.93 20.90 -18.60
CA MET A 48 15.27 21.11 -19.22
C MET A 48 15.15 22.00 -20.46
N GLN A 49 14.24 22.97 -20.45
CA GLN A 49 13.97 23.88 -21.59
C GLN A 49 15.20 24.67 -22.03
N LEU A 50 16.18 24.94 -21.17
CA LEU A 50 17.38 25.70 -21.62
C LEU A 50 18.49 24.74 -22.05
N GLY A 51 18.22 23.42 -22.11
CA GLY A 51 19.16 22.41 -22.64
C GLY A 51 20.11 21.81 -21.62
N GLY A 52 20.89 20.84 -22.11
CA GLY A 52 21.72 19.97 -21.25
C GLY A 52 20.86 18.92 -20.55
N THR A 53 21.46 18.20 -19.60
CA THR A 53 20.88 17.00 -18.99
C THR A 53 20.64 17.27 -17.49
N PRO A 54 19.74 16.55 -16.82
CA PRO A 54 19.53 16.78 -15.40
C PRO A 54 20.80 16.71 -14.60
N PRO A 55 21.71 15.73 -14.85
CA PRO A 55 22.94 15.70 -14.07
C PRO A 55 23.84 16.94 -14.23
N SER A 56 23.68 17.68 -15.32
CA SER A 56 24.48 18.90 -15.60
C SER A 56 23.97 20.10 -14.78
N LEU A 57 22.85 19.97 -14.06
CA LEU A 57 22.13 21.18 -13.55
C LEU A 57 23.00 21.90 -12.54
N TYR A 58 23.61 21.16 -11.60
CA TYR A 58 24.37 21.78 -10.50
C TYR A 58 25.41 22.74 -11.11
N ASP A 59 26.19 22.27 -12.10
CA ASP A 59 27.24 23.09 -12.77
C ASP A 59 26.58 24.18 -13.61
N GLN A 60 25.38 23.96 -14.15
CA GLN A 60 24.70 25.09 -14.87
C GLN A 60 24.54 26.32 -13.95
N ALA A 61 24.24 26.11 -12.67
CA ALA A 61 24.10 27.25 -11.73
C ALA A 61 25.51 27.69 -11.30
N LYS A 62 26.30 26.75 -10.80
CA LYS A 62 27.65 27.08 -10.29
C LYS A 62 28.46 27.90 -11.31
N ASP A 63 28.35 27.62 -12.60
CA ASP A 63 29.23 28.17 -13.66
C ASP A 63 28.51 29.35 -14.32
N GLY A 64 27.30 29.67 -13.87
CA GLY A 64 26.50 30.85 -14.27
C GLY A 64 25.92 30.70 -15.66
N GLN A 65 25.75 29.47 -16.14
CA GLN A 65 24.96 29.27 -17.38
C GLN A 65 23.52 29.70 -17.13
N VAL A 66 23.03 29.44 -15.91
CA VAL A 66 21.69 29.89 -15.42
C VAL A 66 21.91 30.41 -14.00
N ASP A 67 20.89 31.01 -13.36
CA ASP A 67 21.06 31.64 -12.01
C ASP A 67 20.72 30.68 -10.87
N ILE A 68 19.69 29.86 -11.05
CA ILE A 68 19.13 28.96 -10.00
C ILE A 68 18.85 27.59 -10.61
N ILE A 69 19.16 26.51 -9.91
CA ILE A 69 18.73 25.16 -10.38
C ILE A 69 18.07 24.38 -9.24
N TRP A 70 17.35 23.34 -9.62
CA TRP A 70 16.80 22.30 -8.72
C TRP A 70 17.29 20.94 -9.18
N THR A 71 18.00 20.18 -8.36
CA THR A 71 18.53 18.92 -8.87
C THR A 71 18.75 17.96 -7.69
N VAL A 72 19.14 16.73 -7.99
CA VAL A 72 19.54 15.65 -7.05
C VAL A 72 21.06 15.71 -6.96
N LEU A 73 21.65 15.83 -5.76
CA LEU A 73 23.12 15.83 -5.58
C LEU A 73 23.73 14.50 -6.06
N GLY A 74 23.04 13.38 -5.78
CA GLY A 74 23.42 12.01 -6.21
C GLY A 74 23.55 11.81 -7.71
N TYR A 75 23.06 12.73 -8.55
CA TYR A 75 23.22 12.66 -10.01
C TYR A 75 24.71 12.77 -10.43
N ASN A 76 25.60 13.28 -9.57
CA ASN A 76 27.08 13.34 -9.79
C ASN A 76 27.74 12.36 -8.80
N SER A 77 28.08 11.17 -9.29
CA SER A 77 28.62 10.07 -8.45
C SER A 77 29.90 10.54 -7.73
N GLY A 78 30.00 10.41 -6.42
CA GLY A 78 31.23 10.75 -5.67
C GLY A 78 31.41 12.24 -5.41
N ARG A 79 30.62 13.13 -6.00
CA ARG A 79 30.88 14.58 -5.85
C ARG A 79 30.51 15.12 -4.45
N PHE A 80 29.42 14.64 -3.86
CA PHE A 80 28.88 15.11 -2.56
C PHE A 80 28.92 13.96 -1.54
N PRO A 81 30.13 13.54 -1.11
CA PRO A 81 30.27 12.35 -0.29
C PRO A 81 29.52 12.43 1.04
N ARG A 82 29.55 13.58 1.72
CA ARG A 82 28.85 13.75 3.02
C ARG A 82 27.33 13.76 2.83
N ALA A 83 26.83 14.33 1.72
CA ALA A 83 25.41 14.29 1.35
C ALA A 83 24.89 12.85 1.22
N GLU A 84 25.75 11.92 0.78
CA GLU A 84 25.35 10.52 0.48
C GLU A 84 24.70 9.90 1.71
N VAL A 85 24.99 10.36 2.92
CA VAL A 85 24.45 9.67 4.12
C VAL A 85 22.92 9.62 4.07
N PHE A 86 22.26 10.63 3.45
CA PHE A 86 20.78 10.74 3.40
C PHE A 86 20.17 9.79 2.35
N ASP A 87 20.96 9.03 1.60
CA ASP A 87 20.54 7.92 0.70
C ASP A 87 20.40 6.60 1.45
N LEU A 88 20.82 6.49 2.71
CA LEU A 88 20.94 5.15 3.30
C LEU A 88 19.57 4.55 3.59
N PRO A 89 19.45 3.20 3.52
CA PRO A 89 18.15 2.53 3.66
C PRO A 89 17.51 2.77 5.03
N PHE A 90 16.23 3.04 5.01
CA PHE A 90 15.36 3.24 6.18
C PHE A 90 15.90 4.35 7.12
N LEU A 91 16.61 5.36 6.60
CA LEU A 91 17.00 6.58 7.37
C LEU A 91 15.86 7.58 7.47
N PRO A 92 15.07 7.86 6.40
CA PRO A 92 14.17 9.01 6.46
C PRO A 92 12.76 8.75 7.02
N THR A 93 12.04 9.85 7.31
CA THR A 93 10.61 9.81 7.68
C THR A 93 9.86 10.60 6.63
N SER A 94 9.19 11.67 7.02
CA SER A 94 8.37 12.52 6.09
C SER A 94 9.33 13.31 5.19
N GLY A 95 8.85 13.84 4.07
CA GLY A 95 9.65 14.82 3.33
C GLY A 95 9.95 16.04 4.16
N ALA A 96 8.99 16.52 4.95
CA ALA A 96 9.14 17.81 5.66
C ALA A 96 10.22 17.66 6.74
N ALA A 97 10.13 16.65 7.58
CA ALA A 97 11.06 16.52 8.72
C ALA A 97 12.46 16.13 8.21
N THR A 98 12.52 15.24 7.21
CA THR A 98 13.79 14.77 6.66
C THR A 98 14.45 15.94 5.94
N SER A 99 13.65 16.80 5.27
CA SER A 99 14.19 17.98 4.57
C SER A 99 14.85 18.92 5.58
N GLN A 100 14.20 19.11 6.73
CA GLN A 100 14.68 20.03 7.77
C GLN A 100 15.98 19.46 8.34
N ALA A 101 16.02 18.15 8.51
CA ALA A 101 17.22 17.40 8.97
C ALA A 101 18.37 17.61 7.97
N ALA A 102 18.10 17.51 6.66
CA ALA A 102 19.14 17.60 5.62
C ALA A 102 19.73 19.03 5.59
N HIS A 103 18.88 20.06 5.73
CA HIS A 103 19.36 21.45 5.59
C HIS A 103 20.31 21.73 6.75
N GLU A 104 19.91 21.34 7.97
CA GLU A 104 20.74 21.49 9.20
C GLU A 104 22.04 20.71 9.05
N TYR A 105 21.95 19.46 8.58
CA TYR A 105 23.14 18.62 8.34
C TYR A 105 24.06 19.35 7.36
N ALA A 106 23.52 19.92 6.26
CA ALA A 106 24.38 20.51 5.20
C ALA A 106 25.07 21.78 5.72
N MET A 107 24.38 22.55 6.56
CA MET A 107 24.91 23.81 7.12
C MET A 107 26.03 23.45 8.11
N THR A 108 25.97 22.29 8.75
CA THR A 108 26.99 21.81 9.75
C THR A 108 28.17 21.14 9.04
N HIS A 109 27.90 20.28 8.05
CA HIS A 109 28.91 19.34 7.54
C HIS A 109 29.29 19.60 6.08
N MET A 110 28.47 20.27 5.27
CA MET A 110 28.71 20.27 3.80
C MET A 110 29.20 21.63 3.31
N GLN A 111 29.88 22.44 4.13
CA GLN A 111 30.31 23.80 3.72
C GLN A 111 31.30 23.71 2.56
N ASP A 112 32.27 22.78 2.59
CA ASP A 112 33.25 22.61 1.47
C ASP A 112 32.56 22.00 0.23
N GLU A 113 31.69 21.01 0.42
CA GLU A 113 31.05 20.19 -0.64
C GLU A 113 30.21 21.14 -1.52
N LEU A 114 29.59 22.15 -0.90
CA LEU A 114 28.62 23.06 -1.58
C LEU A 114 29.30 24.39 -1.94
N GLU A 115 30.61 24.55 -1.82
CA GLU A 115 31.32 25.81 -2.20
C GLU A 115 30.93 26.21 -3.64
N GLY A 116 30.47 27.46 -3.83
CA GLY A 116 30.16 28.05 -5.15
C GLY A 116 28.67 28.11 -5.47
N VAL A 117 27.81 27.59 -4.58
CA VAL A 117 26.34 27.82 -4.66
C VAL A 117 25.87 28.42 -3.34
N TYR A 118 24.86 29.25 -3.48
CA TYR A 118 24.06 29.78 -2.36
C TYR A 118 22.84 28.91 -2.22
N PRO A 119 22.72 28.14 -1.13
CA PRO A 119 21.62 27.19 -1.03
C PRO A 119 20.30 27.86 -0.61
N ILE A 120 19.36 28.00 -1.55
CA ILE A 120 17.97 28.41 -1.20
C ILE A 120 17.30 27.33 -0.35
N ALA A 121 17.52 26.04 -0.67
CA ALA A 121 16.97 24.91 0.12
C ALA A 121 17.84 23.67 -0.12
N VAL A 122 18.40 23.09 0.95
CA VAL A 122 18.93 21.71 0.89
C VAL A 122 17.89 20.83 1.58
N HIS A 123 17.32 19.87 0.84
CA HIS A 123 16.15 19.09 1.29
C HIS A 123 16.23 17.64 0.78
N THR A 124 15.21 16.83 1.10
CA THR A 124 15.04 15.48 0.52
C THR A 124 13.71 15.41 -0.21
N HIS A 125 13.44 14.28 -0.86
CA HIS A 125 12.07 14.02 -1.36
C HIS A 125 11.32 13.26 -0.27
N SER A 126 10.02 13.09 -0.45
CA SER A 126 9.17 12.39 0.55
C SER A 126 9.43 10.88 0.40
N PRO A 127 8.81 10.01 1.22
CA PRO A 127 9.16 8.59 1.20
C PRO A 127 9.25 7.92 -0.17
N GLY A 128 10.39 7.30 -0.44
CA GLY A 128 10.57 6.54 -1.69
C GLY A 128 9.85 5.21 -1.64
N ALA A 129 9.24 4.78 -2.75
CA ALA A 129 8.46 3.55 -2.83
C ALA A 129 8.81 2.83 -4.13
N LEU A 130 8.27 1.63 -4.33
CA LEU A 130 8.57 0.75 -5.47
C LEU A 130 7.37 0.84 -6.42
N HIS A 131 7.67 0.96 -7.68
CA HIS A 131 6.66 1.09 -8.77
C HIS A 131 7.09 0.21 -9.94
N THR A 132 6.21 -0.68 -10.40
CA THR A 132 6.47 -1.65 -11.48
C THR A 132 5.33 -1.64 -12.48
N LYS A 133 5.62 -2.12 -13.65
CA LYS A 133 4.60 -2.26 -14.73
C LYS A 133 3.74 -3.51 -14.59
N GLU A 134 4.31 -4.65 -14.17
CA GLU A 134 3.65 -5.98 -14.25
C GLU A 134 3.78 -6.75 -12.95
N THR A 135 4.92 -6.62 -12.31
CA THR A 135 5.29 -7.47 -11.15
C THR A 135 4.70 -6.85 -9.90
N ARG A 136 3.91 -7.61 -9.15
CA ARG A 136 3.34 -7.13 -7.87
C ARG A 136 4.39 -7.58 -6.84
N ILE A 137 5.04 -6.66 -6.12
CA ILE A 137 6.12 -7.04 -5.16
C ILE A 137 5.48 -7.27 -3.81
N GLU A 138 5.31 -8.55 -3.46
CA GLU A 138 4.66 -8.96 -2.19
C GLU A 138 5.75 -9.49 -1.27
N ALA A 139 6.97 -9.64 -1.80
CA ALA A 139 8.09 -10.19 -1.01
C ALA A 139 9.39 -9.89 -1.76
N LEU A 140 10.46 -9.82 -1.03
CA LEU A 140 11.84 -9.61 -1.51
C LEU A 140 12.11 -10.40 -2.81
N GLU A 141 11.75 -11.69 -2.89
CA GLU A 141 12.07 -12.52 -4.09
C GLU A 141 11.43 -11.93 -5.36
N ASP A 142 10.37 -11.17 -5.21
CA ASP A 142 9.61 -10.68 -6.41
C ASP A 142 10.44 -9.65 -7.19
N ILE A 143 11.44 -9.00 -6.59
CA ILE A 143 12.26 -7.92 -7.24
C ILE A 143 13.46 -8.53 -7.98
N GLU A 144 13.70 -9.84 -7.83
CA GLU A 144 14.90 -10.48 -8.41
C GLU A 144 14.86 -10.31 -9.92
N GLY A 145 15.88 -9.63 -10.45
CA GLY A 145 16.16 -9.51 -11.87
C GLY A 145 15.31 -8.44 -12.50
N LEU A 146 14.48 -7.72 -11.71
CA LEU A 146 13.69 -6.64 -12.35
C LEU A 146 14.66 -5.52 -12.68
N LYS A 147 14.51 -4.90 -13.83
CA LYS A 147 15.31 -3.72 -14.17
C LYS A 147 14.65 -2.51 -13.52
N MET A 148 15.32 -1.95 -12.54
CA MET A 148 14.82 -0.89 -11.64
C MET A 148 15.78 0.30 -11.72
N ARG A 149 15.29 1.47 -11.36
CA ARG A 149 16.08 2.71 -11.47
C ARG A 149 15.94 3.46 -10.16
N GLY A 150 17.07 3.94 -9.61
CA GLY A 150 17.12 4.84 -8.46
C GLY A 150 17.89 6.10 -8.82
N PRO A 151 17.94 7.09 -7.90
CA PRO A 151 18.58 8.39 -8.15
C PRO A 151 20.11 8.45 -8.17
N SER A 152 20.77 7.52 -7.50
CA SER A 152 22.14 7.73 -7.01
C SER A 152 22.81 6.38 -6.88
N ARG A 153 24.13 6.43 -6.80
CA ARG A 153 24.92 5.19 -6.77
C ARG A 153 24.51 4.39 -5.53
N LEU A 154 24.25 5.04 -4.39
CA LEU A 154 23.98 4.30 -3.12
C LEU A 154 22.55 3.74 -3.12
N VAL A 155 21.56 4.38 -3.77
CA VAL A 155 20.22 3.74 -3.86
C VAL A 155 20.28 2.57 -4.86
N ASN A 156 21.05 2.70 -5.94
CA ASN A 156 21.24 1.64 -6.94
C ASN A 156 22.02 0.49 -6.32
N ARG A 157 22.99 0.78 -5.47
CA ARG A 157 23.67 -0.31 -4.78
C ARG A 157 22.66 -1.13 -3.97
N TYR A 158 21.81 -0.48 -3.20
CA TYR A 158 20.75 -1.17 -2.40
C TYR A 158 19.83 -1.97 -3.33
N LEU A 159 19.37 -1.38 -4.44
CA LEU A 159 18.53 -2.18 -5.34
C LEU A 159 19.22 -3.46 -5.80
N ALA A 160 20.53 -3.40 -6.16
CA ALA A 160 21.30 -4.59 -6.57
C ALA A 160 21.43 -5.59 -5.38
N LYS A 161 21.65 -5.08 -4.18
CA LYS A 161 21.75 -5.98 -3.01
C LYS A 161 20.39 -6.60 -2.68
N LEU A 162 19.29 -5.92 -3.03
CA LEU A 162 17.94 -6.54 -2.89
C LEU A 162 17.68 -7.60 -3.98
N GLY A 163 18.40 -7.54 -5.13
CA GLY A 163 18.46 -8.59 -6.15
C GLY A 163 17.90 -8.04 -7.44
N ALA A 164 17.68 -6.73 -7.41
CA ALA A 164 17.24 -6.06 -8.66
C ALA A 164 18.45 -5.87 -9.58
N GLU A 165 18.18 -5.49 -10.83
CA GLU A 165 19.19 -4.99 -11.80
C GLU A 165 18.99 -3.51 -12.03
N PRO A 166 19.76 -2.67 -11.34
CA PRO A 166 19.59 -1.22 -11.39
C PRO A 166 20.16 -0.62 -12.68
N ILE A 167 19.46 0.37 -13.24
CA ILE A 167 19.92 1.09 -14.46
C ILE A 167 19.90 2.59 -14.13
N GLY A 168 21.08 3.19 -13.95
CA GLY A 168 21.26 4.57 -13.48
C GLY A 168 20.72 5.52 -14.52
N MET A 169 19.84 6.43 -14.12
CA MET A 169 19.35 7.52 -14.99
C MET A 169 18.55 8.49 -14.13
N PRO A 170 18.46 9.77 -14.55
CA PRO A 170 17.59 10.74 -13.88
C PRO A 170 16.11 10.41 -14.08
N VAL A 171 15.30 10.82 -13.10
CA VAL A 171 13.86 10.44 -13.08
C VAL A 171 13.22 11.11 -14.30
N ALA A 172 13.72 12.24 -14.77
CA ALA A 172 13.20 12.91 -15.98
C ALA A 172 13.20 11.93 -17.17
N GLN A 173 14.02 10.88 -17.16
CA GLN A 173 14.07 9.92 -18.31
C GLN A 173 13.32 8.62 -18.04
N ALA A 174 12.64 8.50 -16.90
CA ALA A 174 12.02 7.24 -16.48
C ALA A 174 10.76 6.94 -17.30
N LEU A 175 10.01 7.95 -17.70
CA LEU A 175 8.77 7.69 -18.51
C LEU A 175 9.19 7.11 -19.87
N GLU A 176 10.22 7.69 -20.47
CA GLU A 176 10.83 7.18 -21.73
C GLU A 176 11.25 5.73 -21.50
N ALA A 177 12.03 5.50 -20.47
CA ALA A 177 12.62 4.15 -20.28
C ALA A 177 11.51 3.11 -20.00
N LEU A 178 10.50 3.44 -19.20
CA LEU A 178 9.47 2.44 -18.81
C LEU A 178 8.57 2.20 -20.02
N SER A 179 8.23 3.25 -20.75
CA SER A 179 7.27 3.09 -21.88
C SER A 179 7.97 2.40 -23.04
N ARG A 180 9.31 2.47 -23.12
CA ARG A 180 10.03 1.90 -24.28
C ARG A 180 10.62 0.52 -23.92
N GLY A 181 10.34 -0.02 -22.75
CA GLY A 181 10.75 -1.40 -22.39
C GLY A 181 12.19 -1.46 -21.87
N VAL A 182 12.80 -0.33 -21.50
CA VAL A 182 14.19 -0.34 -20.96
C VAL A 182 14.15 -0.79 -19.50
N LEU A 183 13.11 -0.33 -18.80
CA LEU A 183 12.92 -0.58 -17.35
C LEU A 183 11.63 -1.37 -17.12
N ASP A 184 11.59 -2.17 -16.05
CA ASP A 184 10.38 -2.86 -15.50
C ASP A 184 9.73 -1.94 -14.47
N GLY A 185 10.53 -1.12 -13.80
CA GLY A 185 10.05 -0.27 -12.70
C GLY A 185 11.05 0.79 -12.29
N THR A 186 10.67 1.54 -11.26
CA THR A 186 11.48 2.66 -10.73
C THR A 186 11.17 2.80 -9.25
N VAL A 187 12.14 3.19 -8.45
CA VAL A 187 11.79 3.78 -7.13
C VAL A 187 11.54 5.29 -7.32
N ILE A 188 10.55 5.81 -6.63
CA ILE A 188 10.32 7.27 -6.43
C ILE A 188 9.17 7.46 -5.45
N PRO A 189 9.03 8.68 -4.89
CA PRO A 189 7.92 8.99 -4.02
C PRO A 189 6.72 9.05 -4.96
N PHE A 190 5.54 8.93 -4.39
CA PHE A 190 4.27 8.86 -5.18
C PHE A 190 4.04 10.16 -5.92
N GLU A 191 4.42 11.31 -5.36
CA GLU A 191 4.13 12.61 -6.03
C GLU A 191 4.97 12.70 -7.31
N ALA A 192 6.11 12.01 -7.37
CA ALA A 192 6.94 11.94 -8.60
C ALA A 192 6.24 11.09 -9.68
N ILE A 193 5.43 10.09 -9.31
CA ILE A 193 4.52 9.37 -10.23
C ILE A 193 3.56 10.38 -10.84
N THR A 194 2.97 11.24 -10.02
CA THR A 194 2.03 12.27 -10.53
C THR A 194 2.78 13.16 -11.54
N ALA A 195 3.92 13.70 -11.12
CA ALA A 195 4.73 14.67 -11.91
C ALA A 195 5.05 14.08 -13.28
N MET A 196 5.47 12.81 -13.33
CA MET A 196 5.95 12.18 -14.60
C MET A 196 4.81 11.50 -15.36
N GLY A 197 3.53 11.62 -14.96
CA GLY A 197 2.41 10.96 -15.67
C GLY A 197 2.52 9.43 -15.72
N LEU A 198 3.00 8.78 -14.66
CA LEU A 198 3.31 7.35 -14.68
C LEU A 198 2.22 6.47 -14.04
N ALA A 199 1.13 7.03 -13.50
CA ALA A 199 0.09 6.25 -12.78
C ALA A 199 -0.51 5.14 -13.66
N ASP A 200 -0.71 5.35 -14.97
CA ASP A 200 -1.35 4.33 -15.87
C ASP A 200 -0.28 3.44 -16.51
N ILE A 201 1.00 3.55 -16.13
CA ILE A 201 2.15 2.75 -16.66
C ILE A 201 2.72 1.87 -15.54
N THR A 202 3.25 2.45 -14.48
CA THR A 202 3.52 1.69 -13.24
C THR A 202 2.22 1.66 -12.42
N THR A 203 1.48 0.57 -12.49
CA THR A 203 0.17 0.44 -11.82
C THR A 203 0.37 -0.39 -10.55
N GLU A 204 1.56 -0.95 -10.36
CA GLU A 204 1.85 -1.77 -9.16
C GLU A 204 2.80 -0.97 -8.28
N HIS A 205 2.44 -0.80 -7.02
CA HIS A 205 3.16 0.04 -6.01
C HIS A 205 3.35 -0.78 -4.75
N THR A 206 4.55 -0.72 -4.15
CA THR A 206 4.84 -1.43 -2.85
C THR A 206 5.38 -0.43 -1.83
N ILE A 207 4.77 -0.46 -0.63
CA ILE A 207 5.14 0.36 0.55
C ILE A 207 5.44 -0.59 1.70
N PHE A 208 5.97 -0.03 2.79
CA PHE A 208 6.53 -0.77 3.95
C PHE A 208 5.80 -0.40 5.23
N SER A 209 5.88 -1.31 6.20
CA SER A 209 5.44 -1.15 7.60
C SER A 209 6.48 -0.35 8.38
N GLY A 210 6.05 0.28 9.47
CA GLY A 210 6.97 0.90 10.45
C GLY A 210 7.19 2.38 10.21
N ASP A 211 8.10 2.98 10.97
CA ASP A 211 8.23 4.44 11.19
C ASP A 211 9.31 5.04 10.27
N ARG A 212 9.94 4.25 9.41
CA ARG A 212 10.99 4.73 8.45
C ARG A 212 10.61 4.32 7.01
N ALA A 213 10.90 5.21 6.08
CA ALA A 213 10.74 4.97 4.63
C ALA A 213 11.94 4.19 4.07
N LEU A 214 11.69 3.52 2.95
CA LEU A 214 12.74 2.69 2.31
C LEU A 214 14.00 3.53 2.06
N TYR A 215 13.88 4.68 1.38
CA TYR A 215 15.05 5.56 1.14
C TYR A 215 14.49 6.95 0.80
N THR A 216 15.40 7.90 0.75
CA THR A 216 15.22 9.20 0.07
C THR A 216 16.58 9.59 -0.51
N THR A 217 16.68 10.81 -1.03
CA THR A 217 17.94 11.35 -1.59
C THR A 217 17.95 12.86 -1.37
N MET A 218 19.14 13.40 -1.06
CA MET A 218 19.32 14.86 -0.83
C MET A 218 19.28 15.64 -2.15
N MET A 219 18.49 16.69 -2.15
CA MET A 219 18.22 17.53 -3.34
C MET A 219 18.56 18.99 -2.93
N ILE A 220 18.65 19.90 -3.86
CA ILE A 220 19.10 21.29 -3.58
C ILE A 220 18.38 22.22 -4.56
N VAL A 221 17.88 23.33 -4.04
CA VAL A 221 17.54 24.51 -4.90
C VAL A 221 18.77 25.41 -4.74
N ALA A 222 19.61 25.51 -5.78
CA ALA A 222 20.96 26.12 -5.71
C ALA A 222 21.02 27.37 -6.60
N MET A 223 21.48 28.47 -6.03
CA MET A 223 21.74 29.73 -6.77
C MET A 223 23.26 29.87 -6.98
N ASP A 224 23.67 30.34 -8.13
CA ASP A 224 25.09 30.71 -8.40
C ASP A 224 25.58 31.68 -7.32
N GLN A 225 26.61 31.34 -6.54
CA GLN A 225 27.13 32.27 -5.50
C GLN A 225 27.54 33.58 -6.17
N ASP A 226 28.08 33.55 -7.40
CA ASP A 226 28.53 34.75 -8.15
C ASP A 226 27.34 35.67 -8.43
N LYS A 227 26.20 35.12 -8.86
CA LYS A 227 24.96 35.93 -9.09
C LYS A 227 24.42 36.52 -7.77
N TYR A 228 24.33 35.73 -6.69
CA TYR A 228 23.91 36.25 -5.36
C TYR A 228 24.85 37.41 -4.98
N ASP A 229 26.17 37.20 -5.04
CA ASP A 229 27.18 38.23 -4.67
C ASP A 229 27.04 39.48 -5.59
N ALA A 230 26.54 39.34 -6.81
CA ALA A 230 26.41 40.44 -7.78
C ALA A 230 25.18 41.32 -7.47
N LEU A 231 24.20 40.79 -6.73
CA LEU A 231 22.95 41.54 -6.44
C LEU A 231 23.31 42.71 -5.53
N PRO A 232 22.62 43.87 -5.68
CA PRO A 232 22.79 44.97 -4.73
C PRO A 232 22.46 44.61 -3.28
N GLU A 233 22.92 45.42 -2.33
CA GLU A 233 22.84 45.12 -0.88
C GLU A 233 21.38 45.19 -0.42
N ASP A 234 20.49 45.82 -1.20
CA ASP A 234 19.06 45.83 -0.83
C ASP A 234 18.28 44.70 -1.53
N LEU A 235 18.89 43.91 -2.42
CA LEU A 235 18.17 42.79 -3.10
C LEU A 235 18.62 41.45 -2.50
N GLN A 236 19.87 41.31 -2.08
CA GLN A 236 20.36 40.07 -1.40
C GLN A 236 19.41 39.67 -0.27
N PRO A 237 18.97 40.61 0.60
CA PRO A 237 18.06 40.28 1.70
C PRO A 237 16.67 39.77 1.34
N ILE A 238 16.16 40.13 0.16
CA ILE A 238 14.89 39.57 -0.39
C ILE A 238 15.10 38.07 -0.67
N ILE A 239 16.23 37.69 -1.27
CA ILE A 239 16.59 36.26 -1.50
C ILE A 239 16.64 35.62 -0.11
N ASP A 240 17.35 36.25 0.82
CA ASP A 240 17.60 35.62 2.15
C ASP A 240 16.25 35.34 2.85
N ALA A 241 15.24 36.17 2.64
CA ALA A 241 13.92 36.05 3.31
C ALA A 241 13.19 34.80 2.79
N HIS A 242 13.71 34.21 1.70
CA HIS A 242 13.09 33.08 0.94
C HIS A 242 14.13 31.99 0.72
N ALA A 243 15.00 31.75 1.69
CA ALA A 243 16.11 30.78 1.60
C ALA A 243 16.36 30.26 3.02
N GLY A 244 16.71 28.98 3.14
CA GLY A 244 17.18 28.37 4.40
C GLY A 244 16.28 27.22 4.84
N GLY A 245 16.41 26.80 6.08
CA GLY A 245 15.72 25.59 6.59
C GLY A 245 14.22 25.65 6.47
N ARG A 246 13.61 26.83 6.53
CA ARG A 246 12.13 26.97 6.47
C ARG A 246 11.67 26.60 5.05
N GLU A 247 12.48 26.92 4.05
CA GLU A 247 12.17 26.64 2.62
C GLU A 247 12.34 25.14 2.43
N ALA A 248 13.32 24.52 3.12
CA ALA A 248 13.51 23.07 2.95
C ALA A 248 12.30 22.32 3.49
N TYR A 249 11.88 22.69 4.71
CA TYR A 249 10.68 22.17 5.38
C TYR A 249 9.46 22.29 4.46
N ARG A 250 9.27 23.46 3.85
CA ARG A 250 8.07 23.77 3.05
C ARG A 250 8.05 22.87 1.80
N ILE A 251 9.15 22.79 1.06
CA ILE A 251 9.26 21.86 -0.09
C ILE A 251 8.87 20.44 0.34
N GLY A 252 9.49 19.87 1.38
CA GLY A 252 9.10 18.54 1.86
C GLY A 252 7.60 18.41 2.15
N GLN A 253 7.02 19.43 2.76
CA GLN A 253 5.62 19.42 3.24
C GLN A 253 4.73 19.42 1.96
N ILE A 254 5.15 20.18 0.97
CA ILE A 254 4.42 20.16 -0.33
C ILE A 254 4.41 18.73 -0.91
N MET A 255 5.54 18.05 -0.89
CA MET A 255 5.71 16.70 -1.43
C MET A 255 4.86 15.72 -0.61
N ASP A 256 4.92 15.82 0.72
CA ASP A 256 4.13 14.94 1.63
C ASP A 256 2.65 15.06 1.26
N GLN A 257 2.20 16.29 1.05
CA GLN A 257 0.77 16.55 0.75
C GLN A 257 0.40 16.00 -0.63
N ALA A 258 1.25 16.21 -1.63
CA ALA A 258 1.05 15.65 -2.99
C ALA A 258 1.14 14.13 -2.94
N ASP A 259 1.99 13.53 -2.09
CA ASP A 259 1.98 12.06 -1.96
C ASP A 259 0.58 11.61 -1.49
N HIS A 260 0.01 12.33 -0.52
CA HIS A 260 -1.25 11.91 0.15
C HIS A 260 -2.36 11.91 -0.90
N ARG A 261 -2.39 12.93 -1.70
CA ARG A 261 -3.36 13.07 -2.82
C ARG A 261 -3.25 11.85 -3.74
N GLN A 262 -2.04 11.52 -4.18
CA GLN A 262 -1.83 10.41 -5.14
C GLN A 262 -2.18 9.07 -4.49
N ILE A 263 -1.73 8.86 -3.25
CA ILE A 263 -1.98 7.58 -2.55
C ILE A 263 -3.50 7.40 -2.30
N LEU A 264 -4.18 8.45 -1.86
CA LEU A 264 -5.64 8.40 -1.58
C LEU A 264 -6.36 8.06 -2.90
N ALA A 265 -5.93 8.66 -4.00
CA ALA A 265 -6.59 8.46 -5.32
C ALA A 265 -6.50 7.00 -5.80
N ILE A 266 -5.37 6.33 -5.58
CA ILE A 266 -5.20 4.89 -5.91
C ILE A 266 -5.97 4.02 -4.90
N GLN A 267 -5.86 4.26 -3.59
CA GLN A 267 -6.53 3.41 -2.54
C GLN A 267 -8.05 3.46 -2.75
N SER A 268 -8.59 4.58 -3.24
CA SER A 268 -10.05 4.79 -3.45
C SER A 268 -10.53 4.23 -4.80
N GLY A 269 -9.62 3.88 -5.70
CA GLY A 269 -9.96 3.39 -7.05
C GLY A 269 -10.30 4.55 -7.99
N GLU A 270 -10.07 5.81 -7.60
CA GLU A 270 -10.27 6.93 -8.58
C GLU A 270 -9.24 6.74 -9.70
N GLN A 271 -8.06 6.23 -9.35
CA GLN A 271 -6.92 5.98 -10.28
C GLN A 271 -6.61 4.51 -10.27
N PRO A 272 -6.57 3.83 -11.43
CA PRO A 272 -6.24 2.41 -11.51
C PRO A 272 -4.88 2.16 -10.86
N GLY A 273 -4.68 0.96 -10.33
CA GLY A 273 -3.43 0.60 -9.64
C GLY A 273 -3.72 -0.11 -8.35
N THR A 274 -2.69 -0.67 -7.75
CA THR A 274 -2.75 -1.44 -6.51
C THR A 274 -1.61 -0.94 -5.66
N ILE A 275 -1.84 -0.65 -4.38
CA ILE A 275 -0.75 -0.40 -3.40
C ILE A 275 -0.67 -1.59 -2.47
N THR A 276 0.43 -2.31 -2.59
CA THR A 276 0.72 -3.49 -1.75
C THR A 276 1.50 -2.98 -0.55
N ARG A 277 1.12 -3.37 0.68
CA ARG A 277 1.83 -3.02 1.93
C ARG A 277 2.50 -4.26 2.48
N LEU A 278 3.82 -4.22 2.72
CA LEU A 278 4.57 -5.35 3.33
C LEU A 278 4.52 -5.17 4.87
N GLY A 279 4.13 -6.24 5.55
CA GLY A 279 3.95 -6.31 7.00
C GLY A 279 5.29 -6.28 7.65
N SER A 280 5.34 -6.26 8.98
CA SER A 280 6.59 -6.03 9.76
C SER A 280 7.62 -7.12 9.49
N GLU A 281 7.23 -8.39 9.40
CA GLU A 281 8.20 -9.50 9.26
C GLU A 281 8.85 -9.39 7.88
N GLU A 282 8.07 -9.20 6.81
CA GLU A 282 8.64 -9.03 5.46
C GLU A 282 9.51 -7.75 5.43
N THR A 283 8.98 -6.62 5.91
CA THR A 283 9.73 -5.33 5.97
C THR A 283 11.11 -5.53 6.65
N ALA A 284 11.13 -6.22 7.77
CA ALA A 284 12.40 -6.52 8.46
C ALA A 284 13.44 -7.15 7.51
N ARG A 285 13.04 -7.94 6.52
CA ARG A 285 13.98 -8.59 5.57
C ARG A 285 14.64 -7.52 4.69
N TRP A 286 13.85 -6.55 4.17
CA TRP A 286 14.44 -5.41 3.43
C TRP A 286 15.36 -4.56 4.31
N GLN A 287 15.02 -4.41 5.58
CA GLN A 287 15.84 -3.65 6.54
C GLN A 287 17.16 -4.37 6.77
N ALA A 288 17.15 -5.69 6.82
CA ALA A 288 18.37 -6.50 7.07
C ALA A 288 19.35 -6.28 5.90
N VAL A 289 18.85 -6.24 4.65
CA VAL A 289 19.71 -5.97 3.45
C VAL A 289 20.21 -4.53 3.54
N GLY A 290 19.36 -3.61 4.02
CA GLY A 290 19.70 -2.20 4.21
C GLY A 290 20.81 -2.04 5.21
N GLN A 291 20.84 -2.89 6.23
CA GLN A 291 21.94 -2.81 7.22
C GLN A 291 23.31 -3.03 6.53
N GLU A 292 23.41 -3.94 5.55
CA GLU A 292 24.70 -4.17 4.81
C GLU A 292 25.12 -2.91 4.04
N VAL A 293 24.19 -2.17 3.41
CA VAL A 293 24.57 -0.89 2.75
C VAL A 293 25.13 0.11 3.77
N VAL A 294 24.50 0.25 4.93
CA VAL A 294 24.95 1.19 6.02
C VAL A 294 26.35 0.74 6.48
N ASP A 295 26.54 -0.54 6.70
CA ASP A 295 27.86 -1.02 7.21
C ASP A 295 28.96 -0.66 6.19
N GLU A 296 28.73 -1.01 4.92
CA GLU A 296 29.65 -0.78 3.77
C GLU A 296 29.91 0.72 3.62
N TRP A 297 28.88 1.56 3.81
CA TRP A 297 29.03 3.01 3.57
C TRP A 297 29.94 3.59 4.66
N ILE A 298 29.75 3.16 5.91
CA ILE A 298 30.55 3.70 7.05
C ILE A 298 32.03 3.29 6.92
N ALA A 299 32.29 2.08 6.43
CA ALA A 299 33.65 1.59 6.09
C ALA A 299 34.25 2.44 4.94
N GLU A 300 33.50 2.65 3.86
CA GLU A 300 33.99 3.45 2.72
C GLU A 300 34.26 4.89 3.15
N ALA A 301 33.41 5.47 4.03
CA ALA A 301 33.60 6.83 4.58
C ALA A 301 34.93 6.92 5.31
N GLU A 302 35.17 5.95 6.20
CA GLU A 302 36.46 5.86 6.98
C GLU A 302 37.64 5.87 6.00
N GLU A 303 37.55 5.11 4.91
CA GLU A 303 38.65 4.98 3.91
C GLU A 303 38.87 6.34 3.23
N LYS A 304 37.83 7.16 3.15
CA LYS A 304 37.89 8.46 2.44
C LYS A 304 38.26 9.56 3.44
N GLY A 305 38.55 9.23 4.71
CA GLY A 305 38.96 10.19 5.75
C GLY A 305 37.79 10.89 6.39
N LEU A 306 36.57 10.39 6.18
CA LEU A 306 35.36 10.96 6.79
C LEU A 306 35.10 10.18 8.08
N ASP A 307 34.51 10.84 9.07
CA ASP A 307 34.03 10.15 10.28
C ASP A 307 32.62 9.67 9.97
N GLY A 308 32.53 8.49 9.37
CA GLY A 308 31.27 7.83 8.97
C GLY A 308 30.25 7.74 10.08
N GLN A 309 30.65 7.26 11.24
CA GLN A 309 29.70 6.97 12.34
C GLN A 309 29.13 8.29 12.84
N MET A 310 29.94 9.33 12.89
CA MET A 310 29.52 10.65 13.41
C MET A 310 28.55 11.26 12.43
N LEU A 311 28.81 11.09 11.13
CA LEU A 311 27.87 11.65 10.12
C LEU A 311 26.51 10.94 10.20
N TYR A 312 26.52 9.61 10.27
CA TYR A 312 25.30 8.78 10.42
C TYR A 312 24.60 9.09 11.76
N ASP A 313 25.35 9.23 12.88
CA ASP A 313 24.73 9.61 14.18
C ASP A 313 24.01 10.97 14.05
N ASP A 314 24.61 11.94 13.35
CA ASP A 314 24.05 13.30 13.22
C ASP A 314 22.84 13.29 12.27
N ALA A 315 22.93 12.60 11.13
CA ALA A 315 21.78 12.57 10.18
C ALA A 315 20.59 11.91 10.87
N THR A 316 20.81 10.75 11.53
CA THR A 316 19.72 9.96 12.15
C THR A 316 19.12 10.76 13.31
N ARG A 317 19.95 11.44 14.11
CA ARG A 317 19.45 12.23 15.27
C ARG A 317 18.62 13.42 14.80
N LEU A 318 19.02 14.08 13.72
CA LEU A 318 18.30 15.28 13.22
C LEU A 318 16.95 14.83 12.63
N VAL A 319 16.91 13.69 11.94
CA VAL A 319 15.63 13.11 11.45
C VAL A 319 14.72 12.83 12.66
N GLU A 320 15.25 12.25 13.72
CA GLU A 320 14.38 11.84 14.86
C GLU A 320 13.92 13.12 15.57
N ARG A 321 14.79 14.14 15.62
CA ARG A 321 14.53 15.41 16.33
C ARG A 321 13.37 16.11 15.64
N TYR A 322 13.41 16.24 14.32
CA TYR A 322 12.42 17.03 13.58
C TYR A 322 11.14 16.22 13.39
N THR A 323 11.25 14.89 13.31
CA THR A 323 10.07 13.98 13.30
C THR A 323 9.33 14.14 14.64
N ARG A 324 10.05 14.13 15.76
CA ARG A 324 9.44 14.27 17.12
C ARG A 324 8.81 15.66 17.21
N ALA A 325 9.52 16.69 16.76
CA ALA A 325 9.05 18.09 16.79
C ALA A 325 7.71 18.16 16.04
N ALA A 326 7.63 17.57 14.84
CA ALA A 326 6.43 17.67 13.98
C ALA A 326 5.22 17.06 14.72
N ALA A 327 5.42 15.87 15.30
CA ALA A 327 4.41 15.06 16.03
C ALA A 327 3.94 15.82 17.28
N LEU A 328 4.83 16.55 17.95
CA LEU A 328 4.47 17.32 19.17
C LEU A 328 3.51 18.47 18.82
N GLU A 329 3.73 19.21 17.72
CA GLU A 329 2.92 20.42 17.34
C GLU A 329 1.42 20.13 17.46
N GLN B 2 -4.43 -48.69 6.64
CA GLN B 2 -4.34 -47.85 7.88
C GLN B 2 -2.97 -47.16 8.02
N GLU B 3 -2.15 -47.18 6.97
CA GLU B 3 -0.93 -46.33 6.86
C GLU B 3 -1.17 -45.37 5.69
N ALA B 4 -0.52 -44.21 5.69
CA ALA B 4 -0.79 -43.12 4.73
C ALA B 4 -0.29 -43.49 3.33
N GLU B 5 -1.18 -43.51 2.36
CA GLU B 5 -0.86 -43.54 0.92
C GLU B 5 -0.56 -42.10 0.49
N TYR B 6 -1.14 -41.10 1.18
CA TYR B 6 -1.14 -39.69 0.71
C TYR B 6 -1.36 -38.74 1.89
N THR B 7 -0.47 -37.76 2.04
CA THR B 7 -0.57 -36.73 3.09
C THR B 7 -1.03 -35.41 2.47
N LEU B 8 -2.07 -34.79 3.02
CA LEU B 8 -2.53 -33.50 2.45
C LEU B 8 -2.19 -32.42 3.47
N ARG B 9 -1.36 -31.46 3.07
CA ARG B 9 -0.97 -30.29 3.90
C ARG B 9 -1.93 -29.13 3.58
N LEU B 10 -2.67 -28.73 4.62
CA LEU B 10 -3.62 -27.61 4.59
C LEU B 10 -2.99 -26.42 5.33
N HIS B 11 -2.90 -25.30 4.65
CA HIS B 11 -2.17 -24.09 5.12
C HIS B 11 -3.11 -22.89 5.09
N HIS B 12 -3.16 -22.10 6.15
CA HIS B 12 -4.00 -20.88 6.15
C HIS B 12 -3.42 -19.79 7.06
N PHE B 13 -4.10 -18.66 7.02
CA PHE B 13 -3.64 -17.35 7.54
C PHE B 13 -4.13 -17.05 8.95
N PHE B 14 -5.08 -17.82 9.48
CA PHE B 14 -5.74 -17.54 10.78
C PHE B 14 -5.11 -18.44 11.84
N PRO B 15 -5.31 -18.07 13.12
CA PRO B 15 -4.82 -18.89 14.24
C PRO B 15 -5.67 -20.16 14.39
N ALA B 16 -5.10 -21.17 15.02
CA ALA B 16 -5.74 -22.46 15.29
C ALA B 16 -7.00 -22.26 16.13
N SER B 17 -6.99 -21.30 17.07
CA SER B 17 -8.14 -21.00 17.96
C SER B 17 -9.33 -20.42 17.16
N ALA B 18 -9.17 -20.03 15.90
CA ALA B 18 -10.26 -19.40 15.11
C ALA B 18 -11.42 -20.38 14.91
N PRO B 19 -12.69 -19.90 14.96
CA PRO B 19 -13.86 -20.77 14.86
C PRO B 19 -13.82 -21.68 13.63
N VAL B 20 -13.36 -21.21 12.47
CA VAL B 20 -13.42 -22.08 11.26
C VAL B 20 -12.40 -23.22 11.39
N HIS B 21 -11.28 -22.98 12.09
CA HIS B 21 -10.25 -24.01 12.33
C HIS B 21 -10.81 -25.02 13.33
N GLN B 22 -11.31 -24.54 14.47
CA GLN B 22 -11.81 -25.41 15.56
C GLN B 22 -13.02 -26.23 15.08
N GLU B 23 -13.94 -25.63 14.33
CA GLU B 23 -15.26 -26.23 14.07
C GLU B 23 -15.36 -26.78 12.65
N TYR B 24 -14.46 -26.43 11.71
CA TYR B 24 -14.51 -26.99 10.34
C TYR B 24 -13.23 -27.78 10.05
N PHE B 25 -12.05 -27.16 10.07
CA PHE B 25 -10.80 -27.83 9.66
C PHE B 25 -10.51 -29.04 10.58
N LEU B 26 -10.67 -28.94 11.89
CA LEU B 26 -10.42 -30.13 12.76
C LEU B 26 -11.39 -31.30 12.44
N PRO B 27 -12.74 -31.13 12.39
CA PRO B 27 -13.62 -32.21 11.95
C PRO B 27 -13.43 -32.68 10.50
N TRP B 28 -13.00 -31.79 9.61
CA TRP B 28 -12.70 -32.16 8.19
C TRP B 28 -11.53 -33.14 8.23
N LYS B 29 -10.48 -32.79 8.97
CA LYS B 29 -9.32 -33.70 9.09
C LYS B 29 -9.80 -35.04 9.67
N GLU B 30 -10.62 -35.02 10.71
CA GLU B 30 -11.02 -36.26 11.41
C GLU B 30 -11.80 -37.15 10.44
N ALA B 31 -12.76 -36.58 9.71
CA ALA B 31 -13.65 -37.32 8.77
C ALA B 31 -12.86 -37.87 7.57
N ILE B 32 -11.90 -37.13 7.04
CA ILE B 32 -11.11 -37.57 5.86
C ILE B 32 -10.23 -38.75 6.28
N GLU B 33 -9.62 -38.67 7.46
CA GLU B 33 -8.67 -39.69 7.95
C GLU B 33 -9.43 -40.98 8.32
N LYS B 34 -10.60 -40.84 8.92
CA LYS B 34 -11.49 -41.95 9.36
C LYS B 34 -12.02 -42.68 8.13
N GLU B 35 -12.68 -41.97 7.20
CA GLU B 35 -13.41 -42.57 6.04
C GLU B 35 -12.42 -43.14 5.01
N SER B 36 -11.17 -42.67 4.94
CA SER B 36 -10.09 -43.26 4.10
C SER B 36 -9.41 -44.45 4.81
N ASP B 37 -9.81 -44.77 6.06
CA ASP B 37 -9.22 -45.85 6.88
C ASP B 37 -7.73 -45.55 7.10
N GLY B 38 -7.37 -44.26 7.19
CA GLY B 38 -5.97 -43.81 7.40
C GLY B 38 -5.17 -43.73 6.11
N ARG B 39 -5.75 -44.03 4.95
CA ARG B 39 -5.07 -43.94 3.63
C ARG B 39 -4.82 -42.47 3.26
N LEU B 40 -5.68 -41.55 3.73
CA LEU B 40 -5.47 -40.08 3.61
C LEU B 40 -5.08 -39.52 5.00
N ALA B 41 -3.92 -38.85 5.10
CA ALA B 41 -3.50 -38.11 6.30
C ALA B 41 -3.68 -36.61 6.00
N VAL B 42 -4.17 -35.85 6.97
CA VAL B 42 -4.40 -34.38 6.79
C VAL B 42 -3.60 -33.68 7.88
N GLU B 43 -2.69 -32.79 7.49
CA GLU B 43 -1.92 -31.95 8.44
C GLU B 43 -2.39 -30.51 8.29
N LEU B 44 -2.73 -29.89 9.42
CA LEU B 44 -3.29 -28.51 9.49
C LEU B 44 -2.20 -27.53 9.95
N TYR B 45 -1.99 -26.48 9.18
CA TYR B 45 -0.91 -25.46 9.34
C TYR B 45 -1.55 -24.08 9.35
N PRO B 46 -1.89 -23.57 10.55
CA PRO B 46 -2.49 -22.25 10.68
C PRO B 46 -1.43 -21.15 10.63
N SER B 47 -1.85 -19.88 10.76
CA SER B 47 -0.95 -18.73 11.06
C SER B 47 0.27 -18.69 10.11
N MET B 48 0.11 -19.03 8.83
CA MET B 48 1.18 -18.99 7.81
C MET B 48 2.44 -19.73 8.32
N GLN B 49 2.23 -20.84 9.02
CA GLN B 49 3.32 -21.60 9.70
C GLN B 49 4.27 -22.23 8.68
N LEU B 50 3.81 -22.47 7.43
CA LEU B 50 4.70 -23.03 6.36
C LEU B 50 5.37 -21.92 5.54
N GLY B 51 5.15 -20.64 5.87
CA GLY B 51 5.92 -19.51 5.30
C GLY B 51 5.11 -18.80 4.23
N GLY B 52 5.59 -17.65 3.77
CA GLY B 52 4.86 -16.79 2.83
C GLY B 52 3.83 -15.92 3.57
N THR B 53 3.07 -15.09 2.86
CA THR B 53 2.07 -14.19 3.44
C THR B 53 0.73 -14.47 2.76
N PRO B 54 -0.39 -14.04 3.37
CA PRO B 54 -1.69 -14.54 2.97
C PRO B 54 -2.02 -14.38 1.49
N PRO B 55 -1.61 -13.30 0.77
CA PRO B 55 -1.87 -13.22 -0.67
C PRO B 55 -1.23 -14.39 -1.46
N SER B 56 -0.18 -15.01 -0.93
CA SER B 56 0.54 -16.12 -1.63
C SER B 56 -0.31 -17.41 -1.60
N LEU B 57 -1.32 -17.49 -0.71
CA LEU B 57 -1.93 -18.82 -0.37
C LEU B 57 -2.54 -19.49 -1.60
N TYR B 58 -3.37 -18.79 -2.37
CA TYR B 58 -4.02 -19.41 -3.54
C TYR B 58 -2.99 -20.13 -4.40
N ASP B 59 -1.86 -19.49 -4.72
CA ASP B 59 -0.85 -20.04 -5.66
C ASP B 59 -0.04 -21.13 -4.97
N GLN B 60 0.11 -21.06 -3.64
CA GLN B 60 0.76 -22.16 -2.88
C GLN B 60 0.00 -23.48 -3.17
N ALA B 61 -1.33 -23.46 -3.21
CA ALA B 61 -2.11 -24.70 -3.41
C ALA B 61 -2.07 -25.04 -4.91
N LYS B 62 -2.41 -24.06 -5.75
CA LYS B 62 -2.46 -24.23 -7.22
C LYS B 62 -1.12 -24.77 -7.75
N ASP B 63 0.02 -24.30 -7.22
CA ASP B 63 1.38 -24.65 -7.74
C ASP B 63 1.95 -25.87 -6.98
N GLY B 64 1.26 -26.36 -5.95
CA GLY B 64 1.58 -27.61 -5.27
C GLY B 64 2.60 -27.44 -4.18
N GLN B 65 2.88 -26.21 -3.70
CA GLN B 65 3.82 -26.08 -2.55
C GLN B 65 3.13 -26.71 -1.33
N VAL B 66 1.81 -26.58 -1.27
CA VAL B 66 0.94 -27.29 -0.30
C VAL B 66 -0.23 -27.90 -1.07
N ASP B 67 -1.06 -28.67 -0.38
CA ASP B 67 -2.16 -29.46 -1.01
C ASP B 67 -3.48 -28.68 -0.95
N ILE B 68 -3.76 -28.02 0.18
CA ILE B 68 -5.05 -27.28 0.41
C ILE B 68 -4.74 -25.93 1.09
N ILE B 69 -5.45 -24.89 0.69
CA ILE B 69 -5.33 -23.58 1.36
C ILE B 69 -6.73 -23.06 1.64
N TRP B 70 -6.81 -22.15 2.63
CA TRP B 70 -7.98 -21.31 2.93
C TRP B 70 -7.58 -19.86 2.74
N THR B 71 -8.23 -19.12 1.87
CA THR B 71 -7.82 -17.70 1.65
C THR B 71 -9.00 -16.82 1.23
N VAL B 72 -8.75 -15.51 1.08
CA VAL B 72 -9.68 -14.48 0.51
C VAL B 72 -9.35 -14.23 -0.96
N LEU B 73 -10.28 -14.41 -1.91
CA LEU B 73 -9.94 -14.26 -3.35
C LEU B 73 -9.42 -12.83 -3.62
N GLY B 74 -10.08 -11.82 -3.02
CA GLY B 74 -9.79 -10.38 -3.18
C GLY B 74 -8.43 -9.95 -2.63
N TYR B 75 -7.72 -10.82 -1.94
CA TYR B 75 -6.34 -10.53 -1.53
C TYR B 75 -5.43 -10.48 -2.76
N ASN B 76 -5.88 -10.93 -3.93
CA ASN B 76 -5.15 -10.76 -5.21
C ASN B 76 -6.01 -9.89 -6.11
N SER B 77 -5.72 -8.59 -6.11
CA SER B 77 -6.48 -7.57 -6.88
C SER B 77 -6.42 -7.89 -8.36
N GLY B 78 -7.57 -7.82 -9.04
CA GLY B 78 -7.63 -8.02 -10.50
C GLY B 78 -7.67 -9.48 -10.87
N ARG B 79 -7.41 -10.41 -9.97
CA ARG B 79 -7.25 -11.84 -10.34
C ARG B 79 -8.57 -12.60 -10.51
N PHE B 80 -9.60 -12.29 -9.73
CA PHE B 80 -10.89 -13.03 -9.74
C PHE B 80 -11.99 -12.03 -10.02
N PRO B 81 -12.07 -11.50 -11.26
CA PRO B 81 -13.03 -10.45 -11.61
C PRO B 81 -14.51 -10.81 -11.44
N ARG B 82 -14.93 -12.02 -11.84
CA ARG B 82 -16.34 -12.48 -11.64
C ARG B 82 -16.64 -12.62 -10.14
N ALA B 83 -15.66 -13.01 -9.30
CA ALA B 83 -15.85 -13.26 -7.86
C ALA B 83 -16.15 -11.95 -7.13
N GLU B 84 -15.68 -10.83 -7.68
CA GLU B 84 -15.80 -9.49 -7.04
C GLU B 84 -17.27 -9.07 -6.86
N VAL B 85 -18.21 -9.63 -7.62
CA VAL B 85 -19.67 -9.33 -7.48
C VAL B 85 -20.13 -9.47 -6.02
N PHE B 86 -19.56 -10.40 -5.28
CA PHE B 86 -19.98 -10.72 -3.90
C PHE B 86 -19.37 -9.71 -2.90
N ASP B 87 -18.54 -8.76 -3.34
CA ASP B 87 -18.04 -7.66 -2.49
C ASP B 87 -19.00 -6.45 -2.56
N LEU B 88 -20.06 -6.49 -3.37
CA LEU B 88 -20.81 -5.23 -3.64
C LEU B 88 -21.70 -4.91 -2.44
N PRO B 89 -21.96 -3.60 -2.19
CA PRO B 89 -22.67 -3.16 -1.00
C PRO B 89 -24.10 -3.74 -0.89
N PHE B 90 -24.43 -4.23 0.31
CA PHE B 90 -25.79 -4.67 0.71
C PHE B 90 -26.24 -5.86 -0.18
N LEU B 91 -25.28 -6.64 -0.70
CA LEU B 91 -25.63 -7.86 -1.47
C LEU B 91 -25.89 -9.03 -0.51
N PRO B 92 -25.11 -9.21 0.58
CA PRO B 92 -25.22 -10.44 1.35
C PRO B 92 -26.27 -10.43 2.47
N THR B 93 -26.56 -11.64 2.93
CA THR B 93 -27.35 -11.88 4.15
C THR B 93 -26.43 -12.57 5.14
N SER B 94 -26.80 -13.76 5.50
CA SER B 94 -26.07 -14.51 6.55
C SER B 94 -24.79 -15.14 5.95
N GLY B 95 -23.87 -15.60 6.80
CA GLY B 95 -22.73 -16.36 6.25
C GLY B 95 -23.21 -17.60 5.54
N ALA B 96 -24.21 -18.30 6.11
CA ALA B 96 -24.59 -19.66 5.65
C ALA B 96 -25.23 -19.51 4.28
N ALA B 97 -26.19 -18.61 4.17
CA ALA B 97 -27.00 -18.49 2.93
C ALA B 97 -26.12 -17.89 1.83
N THR B 98 -25.41 -16.82 2.17
CA THR B 98 -24.53 -16.15 1.17
C THR B 98 -23.46 -17.12 0.72
N SER B 99 -22.89 -17.93 1.62
CA SER B 99 -21.89 -18.92 1.18
C SER B 99 -22.43 -19.87 0.12
N GLN B 100 -23.61 -20.41 0.33
CA GLN B 100 -24.22 -21.38 -0.59
C GLN B 100 -24.50 -20.70 -1.94
N ALA B 101 -24.92 -19.43 -1.91
CA ALA B 101 -25.10 -18.61 -3.12
C ALA B 101 -23.74 -18.48 -3.85
N ALA B 102 -22.67 -18.18 -3.11
CA ALA B 102 -21.32 -17.98 -3.67
C ALA B 102 -20.82 -19.28 -4.31
N HIS B 103 -21.04 -20.43 -3.67
CA HIS B 103 -20.56 -21.73 -4.23
C HIS B 103 -21.22 -22.00 -5.59
N GLU B 104 -22.54 -21.86 -5.64
CA GLU B 104 -23.35 -22.07 -6.88
C GLU B 104 -22.95 -21.04 -7.97
N TYR B 105 -22.82 -19.77 -7.61
CA TYR B 105 -22.33 -18.74 -8.53
C TYR B 105 -20.96 -19.17 -9.09
N ALA B 106 -20.05 -19.65 -8.23
CA ALA B 106 -18.69 -19.99 -8.69
C ALA B 106 -18.78 -21.18 -9.66
N MET B 107 -19.64 -22.15 -9.35
CA MET B 107 -19.71 -23.39 -10.17
C MET B 107 -20.30 -23.02 -11.53
N THR B 108 -21.15 -22.00 -11.58
CA THR B 108 -21.83 -21.51 -12.83
C THR B 108 -20.90 -20.62 -13.65
N HIS B 109 -20.21 -19.66 -13.03
CA HIS B 109 -19.61 -18.49 -13.71
C HIS B 109 -18.08 -18.45 -13.65
N MET B 110 -17.45 -19.14 -12.70
CA MET B 110 -16.02 -18.95 -12.34
C MET B 110 -15.15 -20.17 -12.73
N GLN B 111 -15.54 -20.91 -13.76
CA GLN B 111 -14.78 -22.11 -14.23
C GLN B 111 -13.39 -21.64 -14.68
N ASP B 112 -13.33 -20.64 -15.55
CA ASP B 112 -12.05 -20.06 -16.08
C ASP B 112 -11.23 -19.56 -14.90
N GLU B 113 -11.79 -18.74 -14.02
CA GLU B 113 -10.91 -18.01 -13.09
C GLU B 113 -10.45 -18.94 -11.97
N LEU B 114 -11.10 -20.08 -11.74
CA LEU B 114 -10.69 -21.10 -10.73
C LEU B 114 -9.95 -22.30 -11.38
N GLU B 115 -9.62 -22.24 -12.66
CA GLU B 115 -8.80 -23.33 -13.29
C GLU B 115 -7.57 -23.63 -12.43
N GLY B 116 -7.34 -24.90 -12.11
CA GLY B 116 -6.14 -25.37 -11.39
C GLY B 116 -6.37 -25.64 -9.91
N VAL B 117 -7.56 -25.30 -9.38
CA VAL B 117 -7.94 -25.72 -8.01
C VAL B 117 -9.22 -26.54 -8.05
N TYR B 118 -9.29 -27.51 -7.15
CA TYR B 118 -10.54 -28.27 -6.83
C TYR B 118 -11.19 -27.54 -5.68
N PRO B 119 -12.39 -26.96 -5.86
CA PRO B 119 -13.02 -26.23 -4.74
C PRO B 119 -13.71 -27.10 -3.68
N ILE B 120 -13.08 -27.33 -2.53
CA ILE B 120 -13.74 -27.98 -1.37
C ILE B 120 -14.93 -27.07 -0.97
N ALA B 121 -14.76 -25.75 -0.96
CA ALA B 121 -15.86 -24.82 -0.61
C ALA B 121 -15.55 -23.41 -1.11
N VAL B 122 -16.39 -22.85 -1.98
CA VAL B 122 -16.36 -21.41 -2.33
C VAL B 122 -17.45 -20.75 -1.50
N HIS B 123 -17.10 -19.81 -0.63
CA HIS B 123 -18.03 -19.29 0.39
C HIS B 123 -17.79 -17.81 0.63
N THR B 124 -18.54 -17.22 1.57
CA THR B 124 -18.25 -15.84 2.04
C THR B 124 -18.03 -15.86 3.53
N HIS B 125 -17.69 -14.70 4.11
CA HIS B 125 -17.76 -14.54 5.57
C HIS B 125 -19.17 -14.04 5.91
N SER B 126 -19.44 -14.06 7.21
CA SER B 126 -20.69 -13.57 7.82
C SER B 126 -20.71 -12.04 7.74
N PRO B 127 -21.85 -11.37 8.06
CA PRO B 127 -22.00 -9.91 7.87
C PRO B 127 -20.81 -9.06 8.30
N GLY B 128 -20.24 -8.31 7.37
CA GLY B 128 -19.17 -7.34 7.69
C GLY B 128 -19.67 -6.17 8.53
N ALA B 129 -18.89 -5.70 9.51
CA ALA B 129 -19.27 -4.54 10.35
C ALA B 129 -18.11 -3.56 10.49
N LEU B 130 -18.34 -2.42 11.14
CA LEU B 130 -17.34 -1.35 11.32
C LEU B 130 -16.80 -1.46 12.73
N HIS B 131 -15.50 -1.51 12.84
CA HIS B 131 -14.78 -1.63 14.15
C HIS B 131 -13.75 -0.51 14.22
N THR B 132 -13.74 0.28 15.31
CA THR B 132 -12.86 1.47 15.49
C THR B 132 -12.31 1.50 16.92
N LYS B 133 -11.16 2.14 17.08
CA LYS B 133 -10.55 2.31 18.42
C LYS B 133 -11.31 3.35 19.25
N GLU B 134 -11.79 4.46 18.68
CA GLU B 134 -12.19 5.65 19.48
C GLU B 134 -13.53 6.18 19.00
N THR B 135 -13.73 6.22 17.69
CA THR B 135 -14.86 6.95 17.06
C THR B 135 -16.08 6.06 17.12
N ARG B 136 -17.12 6.51 17.83
CA ARG B 136 -18.43 5.86 17.81
C ARG B 136 -19.10 6.32 16.51
N ILE B 137 -19.29 5.40 15.58
CA ILE B 137 -19.98 5.71 14.29
C ILE B 137 -21.50 5.56 14.48
N GLU B 138 -22.15 6.71 14.58
CA GLU B 138 -23.61 6.86 14.79
C GLU B 138 -24.26 7.37 13.52
N ALA B 139 -23.47 7.88 12.56
CA ALA B 139 -23.99 8.45 11.28
C ALA B 139 -22.89 8.38 10.22
N LEU B 140 -23.26 8.52 8.95
CA LEU B 140 -22.32 8.55 7.80
C LEU B 140 -21.18 9.53 8.07
N GLU B 141 -21.47 10.72 8.59
CA GLU B 141 -20.46 11.81 8.76
C GLU B 141 -19.31 11.32 9.63
N ASP B 142 -19.60 10.43 10.58
CA ASP B 142 -18.62 10.00 11.60
C ASP B 142 -17.45 9.22 10.97
N ILE B 143 -17.62 8.69 9.78
CA ILE B 143 -16.56 7.86 9.15
C ILE B 143 -15.62 8.77 8.36
N GLU B 144 -15.94 10.07 8.23
CA GLU B 144 -15.19 10.96 7.29
C GLU B 144 -13.72 11.01 7.72
N GLY B 145 -12.83 10.58 6.83
CA GLY B 145 -11.39 10.73 7.05
C GLY B 145 -10.82 9.67 7.96
N LEU B 146 -11.59 8.66 8.41
CA LEU B 146 -10.97 7.58 9.25
C LEU B 146 -10.13 6.67 8.35
N LYS B 147 -9.02 6.18 8.89
CA LYS B 147 -8.16 5.24 8.16
C LYS B 147 -8.70 3.85 8.43
N MET B 148 -9.35 3.30 7.41
CA MET B 148 -10.04 2.00 7.53
C MET B 148 -9.41 0.96 6.61
N ARG B 149 -9.35 -0.25 7.08
CA ARG B 149 -8.86 -1.37 6.27
C ARG B 149 -10.02 -2.22 5.78
N GLY B 150 -9.97 -2.61 4.51
CA GLY B 150 -10.84 -3.63 3.94
C GLY B 150 -10.01 -4.69 3.21
N PRO B 151 -10.63 -5.84 2.91
CA PRO B 151 -9.93 -6.98 2.33
C PRO B 151 -9.58 -6.91 0.83
N SER B 152 -10.25 -6.05 0.07
CA SER B 152 -10.24 -6.13 -1.39
C SER B 152 -10.48 -4.75 -1.97
N ARG B 153 -10.12 -4.58 -3.25
CA ARG B 153 -10.24 -3.25 -3.89
C ARG B 153 -11.72 -2.79 -3.93
N LEU B 154 -12.72 -3.68 -4.09
CA LEU B 154 -14.13 -3.22 -4.29
C LEU B 154 -14.72 -2.83 -2.93
N VAL B 155 -14.31 -3.48 -1.84
CA VAL B 155 -14.72 -3.04 -0.48
C VAL B 155 -14.05 -1.70 -0.16
N ASN B 156 -12.76 -1.55 -0.51
CA ASN B 156 -11.97 -0.30 -0.28
C ASN B 156 -12.64 0.84 -1.05
N ARG B 157 -13.07 0.56 -2.27
CA ARG B 157 -13.75 1.56 -3.13
C ARG B 157 -15.00 2.07 -2.39
N TYR B 158 -15.76 1.14 -1.81
CA TYR B 158 -17.00 1.47 -1.06
C TYR B 158 -16.64 2.36 0.13
N LEU B 159 -15.62 1.95 0.89
CA LEU B 159 -15.17 2.71 2.06
C LEU B 159 -14.76 4.13 1.66
N ALA B 160 -14.10 4.32 0.53
CA ALA B 160 -13.68 5.65 0.05
C ALA B 160 -14.92 6.48 -0.34
N LYS B 161 -15.88 5.84 -1.04
CA LYS B 161 -17.15 6.48 -1.46
C LYS B 161 -17.94 6.94 -0.22
N LEU B 162 -17.85 6.18 0.89
CA LEU B 162 -18.49 6.55 2.18
C LEU B 162 -17.76 7.71 2.86
N GLY B 163 -16.51 8.01 2.45
CA GLY B 163 -15.71 9.15 2.91
C GLY B 163 -14.59 8.70 3.82
N ALA B 164 -14.40 7.39 4.00
CA ALA B 164 -13.22 6.91 4.77
C ALA B 164 -11.94 7.05 3.94
N GLU B 165 -10.79 6.76 4.51
CA GLU B 165 -9.51 6.60 3.75
C GLU B 165 -9.05 5.15 3.84
N PRO B 166 -9.40 4.34 2.84
CA PRO B 166 -9.07 2.92 2.86
C PRO B 166 -7.56 2.69 2.71
N ILE B 167 -7.03 1.74 3.48
CA ILE B 167 -5.66 1.19 3.28
C ILE B 167 -5.79 -0.32 3.09
N GLY B 168 -5.46 -0.82 1.91
CA GLY B 168 -5.55 -2.27 1.59
C GLY B 168 -4.46 -3.05 2.33
N MET B 169 -4.84 -4.14 2.96
CA MET B 169 -3.87 -5.08 3.58
C MET B 169 -4.66 -6.30 4.02
N PRO B 170 -4.02 -7.48 4.05
CA PRO B 170 -4.61 -8.63 4.70
C PRO B 170 -4.79 -8.37 6.20
N VAL B 171 -5.77 -9.05 6.78
CA VAL B 171 -6.27 -8.73 8.15
C VAL B 171 -5.13 -9.08 9.12
N ALA B 172 -4.18 -9.87 8.66
CA ALA B 172 -2.96 -10.26 9.42
C ALA B 172 -2.14 -9.04 9.85
N GLN B 173 -2.18 -7.95 9.08
CA GLN B 173 -1.42 -6.73 9.41
C GLN B 173 -2.26 -5.78 10.28
N ALA B 174 -3.55 -6.02 10.47
CA ALA B 174 -4.46 -5.06 11.13
C ALA B 174 -4.05 -4.81 12.61
N LEU B 175 -3.75 -5.85 13.39
CA LEU B 175 -3.40 -5.68 14.83
C LEU B 175 -2.25 -4.66 14.95
N GLU B 176 -1.08 -4.91 14.34
CA GLU B 176 0.08 -3.99 14.47
C GLU B 176 -0.26 -2.61 13.89
N ALA B 177 -0.93 -2.53 12.73
CA ALA B 177 -1.23 -1.21 12.13
C ALA B 177 -2.18 -0.38 13.03
N LEU B 178 -3.15 -1.04 13.69
CA LEU B 178 -4.05 -0.35 14.65
C LEU B 178 -3.21 0.12 15.85
N SER B 179 -2.36 -0.76 16.39
CA SER B 179 -1.53 -0.44 17.59
C SER B 179 -0.62 0.76 17.30
N ARG B 180 -0.01 0.84 16.12
CA ARG B 180 0.95 1.92 15.76
C ARG B 180 0.24 3.19 15.23
N GLY B 181 -1.08 3.24 15.06
CA GLY B 181 -1.72 4.48 14.55
C GLY B 181 -1.78 4.57 13.05
N VAL B 182 -1.48 3.49 12.35
CA VAL B 182 -1.61 3.50 10.86
C VAL B 182 -3.08 3.45 10.52
N LEU B 183 -3.86 2.71 11.32
CA LEU B 183 -5.33 2.54 11.19
C LEU B 183 -6.06 3.17 12.38
N ASP B 184 -7.26 3.69 12.09
CA ASP B 184 -8.32 4.04 13.08
C ASP B 184 -9.21 2.82 13.32
N GLY B 185 -9.43 1.99 12.28
CA GLY B 185 -10.28 0.81 12.42
C GLY B 185 -10.21 -0.10 11.22
N THR B 186 -11.13 -1.06 11.20
CA THR B 186 -11.20 -2.12 10.18
C THR B 186 -12.64 -2.55 9.99
N VAL B 187 -12.98 -2.98 8.78
CA VAL B 187 -14.20 -3.78 8.59
C VAL B 187 -13.80 -5.25 8.69
N ILE B 188 -14.71 -6.06 9.21
CA ILE B 188 -14.59 -7.54 9.39
C ILE B 188 -15.90 -7.98 10.06
N PRO B 189 -16.24 -9.27 9.95
CA PRO B 189 -17.34 -9.82 10.70
C PRO B 189 -16.94 -9.90 12.17
N PHE B 190 -17.89 -10.07 13.09
CA PHE B 190 -17.53 -10.14 14.54
C PHE B 190 -16.67 -11.34 14.86
N GLU B 191 -16.84 -12.51 14.26
CA GLU B 191 -16.01 -13.70 14.68
C GLU B 191 -14.52 -13.51 14.31
N ALA B 192 -14.20 -12.64 13.34
CA ALA B 192 -12.83 -12.22 12.97
C ALA B 192 -12.22 -11.41 14.13
N ILE B 193 -13.02 -10.59 14.82
CA ILE B 193 -12.59 -9.85 16.04
C ILE B 193 -12.11 -10.86 17.11
N THR B 194 -12.84 -11.97 17.31
CA THR B 194 -12.51 -13.02 18.32
C THR B 194 -11.21 -13.72 17.88
N ALA B 195 -11.14 -14.06 16.59
CA ALA B 195 -10.01 -14.84 16.01
C ALA B 195 -8.74 -14.02 16.15
N MET B 196 -8.78 -12.75 15.73
CA MET B 196 -7.59 -11.84 15.69
C MET B 196 -7.33 -11.21 17.06
N GLY B 197 -8.16 -11.45 18.08
CA GLY B 197 -8.01 -10.87 19.44
C GLY B 197 -8.09 -9.35 19.45
N LEU B 198 -9.06 -8.75 18.77
CA LEU B 198 -9.14 -7.28 18.62
C LEU B 198 -10.17 -6.64 19.57
N ALA B 199 -10.92 -7.45 20.33
CA ALA B 199 -12.05 -7.01 21.18
C ALA B 199 -11.64 -5.87 22.12
N ASP B 200 -10.38 -5.85 22.63
CA ASP B 200 -9.91 -4.80 23.58
C ASP B 200 -9.24 -3.64 22.85
N ILE B 201 -9.04 -3.75 21.53
CA ILE B 201 -8.35 -2.69 20.75
C ILE B 201 -9.43 -1.91 20.00
N THR B 202 -10.31 -2.61 19.31
CA THR B 202 -11.42 -1.94 18.55
C THR B 202 -12.71 -2.16 19.34
N THR B 203 -13.05 -1.21 20.22
CA THR B 203 -14.12 -1.34 21.25
C THR B 203 -15.42 -0.71 20.75
N GLU B 204 -15.34 -0.01 19.63
CA GLU B 204 -16.53 0.63 19.00
C GLU B 204 -16.94 -0.15 17.76
N HIS B 205 -18.18 -0.60 17.70
CA HIS B 205 -18.66 -1.50 16.60
C HIS B 205 -19.96 -0.94 16.04
N THR B 206 -20.10 -0.89 14.72
CA THR B 206 -21.36 -0.35 14.12
C THR B 206 -21.93 -1.39 13.15
N ILE B 207 -23.23 -1.62 13.29
CA ILE B 207 -23.99 -2.59 12.45
C ILE B 207 -25.18 -1.81 11.94
N PHE B 208 -25.97 -2.46 11.11
CA PHE B 208 -26.94 -1.77 10.21
C PHE B 208 -28.34 -2.38 10.35
N SER B 209 -29.34 -1.68 9.80
CA SER B 209 -30.76 -2.11 9.74
C SER B 209 -31.02 -2.84 8.45
N GLY B 210 -32.08 -3.65 8.45
CA GLY B 210 -32.71 -4.16 7.23
C GLY B 210 -32.26 -5.56 6.91
N ASP B 211 -32.65 -6.01 5.73
CA ASP B 211 -32.59 -7.45 5.34
C ASP B 211 -31.22 -7.83 4.76
N ARG B 212 -30.26 -6.90 4.65
CA ARG B 212 -28.95 -7.14 3.96
C ARG B 212 -27.80 -6.56 4.79
N ALA B 213 -26.68 -7.28 4.88
CA ALA B 213 -25.43 -6.81 5.53
C ALA B 213 -24.70 -5.81 4.62
N LEU B 214 -23.83 -5.03 5.24
CA LEU B 214 -23.05 -3.94 4.58
C LEU B 214 -22.27 -4.52 3.39
N TYR B 215 -21.53 -5.60 3.63
CA TYR B 215 -20.65 -6.23 2.64
C TYR B 215 -20.24 -7.59 3.17
N THR B 216 -19.74 -8.44 2.29
CA THR B 216 -18.91 -9.61 2.61
C THR B 216 -17.87 -9.71 1.49
N THR B 217 -17.16 -10.82 1.41
CA THR B 217 -16.15 -11.06 0.36
C THR B 217 -16.02 -12.57 0.11
N MET B 218 -15.72 -12.95 -1.12
CA MET B 218 -15.64 -14.39 -1.48
C MET B 218 -14.32 -14.99 -0.97
N MET B 219 -14.43 -16.14 -0.34
CA MET B 219 -13.31 -16.93 0.19
C MET B 219 -13.33 -18.34 -0.41
N ILE B 220 -12.25 -19.11 -0.25
CA ILE B 220 -12.17 -20.46 -0.86
C ILE B 220 -11.36 -21.36 0.04
N VAL B 221 -11.87 -22.58 0.15
CA VAL B 221 -11.05 -23.74 0.59
C VAL B 221 -10.71 -24.48 -0.71
N ALA B 222 -9.45 -24.36 -1.15
CA ALA B 222 -9.03 -24.74 -2.51
C ALA B 222 -7.97 -25.85 -2.40
N MET B 223 -8.15 -26.92 -3.19
CA MET B 223 -7.16 -28.03 -3.28
C MET B 223 -6.46 -27.96 -4.65
N ASP B 224 -5.15 -28.23 -4.66
CA ASP B 224 -4.34 -28.43 -5.89
C ASP B 224 -5.08 -29.44 -6.79
N GLN B 225 -5.62 -28.99 -7.91
CA GLN B 225 -6.31 -29.91 -8.86
C GLN B 225 -5.42 -31.11 -9.22
N ASP B 226 -4.10 -30.90 -9.27
CA ASP B 226 -3.08 -31.93 -9.63
C ASP B 226 -2.99 -32.96 -8.51
N LYS B 227 -3.13 -32.50 -7.28
CA LYS B 227 -3.06 -33.41 -6.11
C LYS B 227 -4.34 -34.25 -6.02
N TYR B 228 -5.53 -33.65 -6.21
CA TYR B 228 -6.83 -34.36 -6.35
C TYR B 228 -6.73 -35.39 -7.52
N ASP B 229 -6.30 -34.96 -8.70
CA ASP B 229 -6.17 -35.81 -9.93
C ASP B 229 -5.23 -37.00 -9.66
N ALA B 230 -4.29 -36.84 -8.74
CA ALA B 230 -3.28 -37.86 -8.41
C ALA B 230 -3.85 -38.91 -7.46
N LEU B 231 -4.95 -38.62 -6.75
CA LEU B 231 -5.48 -39.59 -5.76
C LEU B 231 -6.05 -40.79 -6.52
N PRO B 232 -5.95 -42.02 -5.96
CA PRO B 232 -6.62 -43.17 -6.55
C PRO B 232 -8.15 -42.99 -6.61
N GLU B 233 -8.78 -43.74 -7.50
CA GLU B 233 -10.24 -43.67 -7.80
C GLU B 233 -11.07 -44.00 -6.54
N ASP B 234 -10.52 -44.67 -5.52
CA ASP B 234 -11.30 -44.97 -4.30
C ASP B 234 -11.08 -43.91 -3.22
N LEU B 235 -10.13 -42.97 -3.40
CA LEU B 235 -9.88 -41.86 -2.43
C LEU B 235 -10.48 -40.54 -2.92
N GLN B 236 -10.52 -40.28 -4.23
CA GLN B 236 -11.20 -39.09 -4.79
C GLN B 236 -12.57 -38.93 -4.15
N PRO B 237 -13.46 -39.96 -4.16
CA PRO B 237 -14.82 -39.79 -3.64
C PRO B 237 -14.89 -39.47 -2.13
N ILE B 238 -13.86 -39.81 -1.36
CA ILE B 238 -13.79 -39.43 0.08
C ILE B 238 -13.68 -37.90 0.18
N ILE B 239 -12.88 -37.28 -0.67
CA ILE B 239 -12.79 -35.78 -0.76
C ILE B 239 -14.15 -35.24 -1.21
N ASP B 240 -14.73 -35.84 -2.25
CA ASP B 240 -16.00 -35.39 -2.87
C ASP B 240 -17.11 -35.39 -1.80
N ALA B 241 -17.09 -36.32 -0.87
CA ALA B 241 -18.10 -36.48 0.22
C ALA B 241 -18.01 -35.32 1.22
N HIS B 242 -16.93 -34.54 1.18
CA HIS B 242 -16.66 -33.41 2.09
C HIS B 242 -16.28 -32.19 1.26
N ALA B 243 -16.95 -31.98 0.11
CA ALA B 243 -16.69 -30.85 -0.80
C ALA B 243 -18.02 -30.43 -1.42
N GLY B 244 -18.22 -29.12 -1.60
CA GLY B 244 -19.35 -28.60 -2.39
C GLY B 244 -20.16 -27.57 -1.64
N GLY B 245 -21.32 -27.19 -2.17
CA GLY B 245 -22.13 -26.10 -1.59
C GLY B 245 -22.54 -26.38 -0.14
N ARG B 246 -22.72 -27.64 0.19
CA ARG B 246 -23.12 -28.04 1.56
C ARG B 246 -22.00 -27.65 2.53
N GLU B 247 -20.75 -27.77 2.09
CA GLU B 247 -19.58 -27.41 2.94
C GLU B 247 -19.55 -25.88 3.05
N ALA B 248 -19.83 -25.16 1.98
CA ALA B 248 -19.83 -23.68 2.02
C ALA B 248 -20.88 -23.21 3.05
N TYR B 249 -22.07 -23.80 3.01
CA TYR B 249 -23.20 -23.45 3.93
C TYR B 249 -22.72 -23.61 5.36
N ARG B 250 -22.07 -24.74 5.61
CA ARG B 250 -21.63 -25.13 6.96
C ARG B 250 -20.58 -24.13 7.46
N ILE B 251 -19.63 -23.78 6.60
CA ILE B 251 -18.61 -22.76 6.96
C ILE B 251 -19.35 -21.46 7.33
N GLY B 252 -20.31 -21.00 6.52
CA GLY B 252 -21.00 -19.73 6.84
C GLY B 252 -21.74 -19.82 8.17
N GLN B 253 -22.32 -20.98 8.43
CA GLN B 253 -23.16 -21.22 9.63
C GLN B 253 -22.22 -21.20 10.84
N ILE B 254 -21.05 -21.76 10.70
CA ILE B 254 -20.09 -21.70 11.88
C ILE B 254 -19.71 -20.22 12.17
N MET B 255 -19.48 -19.44 11.12
CA MET B 255 -19.16 -17.99 11.23
C MET B 255 -20.38 -17.27 11.82
N ASP B 256 -21.59 -17.57 11.35
CA ASP B 256 -22.81 -16.90 11.93
C ASP B 256 -22.91 -17.17 13.43
N GLN B 257 -22.63 -18.41 13.84
CA GLN B 257 -22.79 -18.83 15.26
C GLN B 257 -21.71 -18.15 16.09
N ALA B 258 -20.48 -18.05 15.57
CA ALA B 258 -19.38 -17.38 16.29
C ALA B 258 -19.65 -15.87 16.38
N ASP B 259 -20.28 -15.27 15.36
CA ASP B 259 -20.61 -13.84 15.46
C ASP B 259 -21.56 -13.66 16.63
N HIS B 260 -22.55 -14.56 16.73
CA HIS B 260 -23.64 -14.44 17.74
C HIS B 260 -23.00 -14.44 19.13
N ARG B 261 -22.09 -15.37 19.37
CA ARG B 261 -21.41 -15.48 20.69
C ARG B 261 -20.66 -14.19 21.00
N GLN B 262 -19.96 -13.59 20.03
CA GLN B 262 -19.11 -12.40 20.29
C GLN B 262 -20.01 -11.18 20.56
N ILE B 263 -21.05 -11.01 19.72
CA ILE B 263 -22.04 -9.92 19.85
C ILE B 263 -22.75 -10.05 21.21
N LEU B 264 -23.18 -11.27 21.61
CA LEU B 264 -23.82 -11.47 22.95
C LEU B 264 -22.83 -11.04 24.03
N ALA B 265 -21.58 -11.45 23.90
CA ALA B 265 -20.57 -11.15 24.96
C ALA B 265 -20.38 -9.62 25.08
N ILE B 266 -20.46 -8.87 24.00
CA ILE B 266 -20.32 -7.39 24.08
C ILE B 266 -21.59 -6.78 24.67
N GLN B 267 -22.78 -7.19 24.20
CA GLN B 267 -24.06 -6.55 24.64
C GLN B 267 -24.24 -6.78 26.14
N SER B 268 -23.71 -7.89 26.63
CA SER B 268 -23.88 -8.35 28.04
C SER B 268 -22.89 -7.65 28.98
N GLY B 269 -21.88 -6.99 28.47
CA GLY B 269 -20.77 -6.47 29.27
C GLY B 269 -19.71 -7.52 29.65
N GLU B 270 -19.80 -8.77 29.18
CA GLU B 270 -18.74 -9.78 29.48
C GLU B 270 -17.45 -9.29 28.82
N GLN B 271 -17.56 -8.73 27.61
CA GLN B 271 -16.40 -8.08 26.94
C GLN B 271 -16.68 -6.59 26.80
N PRO B 272 -15.68 -5.76 27.13
CA PRO B 272 -15.84 -4.31 27.02
C PRO B 272 -16.11 -3.96 25.55
N GLY B 273 -16.73 -2.81 25.34
CA GLY B 273 -17.11 -2.36 24.00
C GLY B 273 -18.56 -1.97 23.94
N THR B 274 -18.94 -1.44 22.79
CA THR B 274 -20.28 -0.89 22.50
C THR B 274 -20.63 -1.30 21.08
N ILE B 275 -21.86 -1.75 20.88
CA ILE B 275 -22.44 -2.03 19.55
C ILE B 275 -23.49 -0.94 19.32
N THR B 276 -23.32 -0.21 18.22
CA THR B 276 -24.21 0.88 17.78
C THR B 276 -24.92 0.38 16.54
N ARG B 277 -26.25 0.36 16.58
CA ARG B 277 -27.06 -0.18 15.48
C ARG B 277 -27.65 0.99 14.71
N LEU B 278 -27.30 1.21 13.45
CA LEU B 278 -27.84 2.36 12.72
C LEU B 278 -29.29 2.06 12.35
N GLY B 279 -30.16 3.04 12.53
CA GLY B 279 -31.60 2.93 12.24
C GLY B 279 -31.86 2.81 10.76
N SER B 280 -33.13 2.73 10.33
CA SER B 280 -33.56 2.47 8.93
C SER B 280 -33.23 3.65 8.01
N GLU B 281 -33.62 4.85 8.40
CA GLU B 281 -33.35 6.07 7.59
C GLU B 281 -31.83 6.25 7.46
N GLU B 282 -31.05 6.07 8.55
CA GLU B 282 -29.58 6.25 8.51
C GLU B 282 -28.97 5.16 7.59
N THR B 283 -29.36 3.90 7.79
CA THR B 283 -28.87 2.78 6.97
C THR B 283 -29.12 3.11 5.51
N ALA B 284 -30.27 3.69 5.20
CA ALA B 284 -30.68 3.93 3.79
C ALA B 284 -29.67 4.86 3.11
N ARG B 285 -29.03 5.74 3.89
CA ARG B 285 -27.99 6.66 3.34
C ARG B 285 -26.75 5.86 2.90
N TRP B 286 -26.35 4.85 3.68
CA TRP B 286 -25.19 4.00 3.29
C TRP B 286 -25.55 3.15 2.07
N GLN B 287 -26.81 2.72 1.94
CA GLN B 287 -27.29 1.93 0.78
C GLN B 287 -27.23 2.80 -0.48
N ALA B 288 -27.55 4.08 -0.38
CA ALA B 288 -27.64 4.97 -1.56
C ALA B 288 -26.24 5.17 -2.15
N VAL B 289 -25.23 5.33 -1.30
CA VAL B 289 -23.82 5.35 -1.76
C VAL B 289 -23.48 3.98 -2.36
N GLY B 290 -23.88 2.90 -1.69
CA GLY B 290 -23.74 1.53 -2.19
C GLY B 290 -24.26 1.37 -3.62
N GLN B 291 -25.37 2.02 -3.97
CA GLN B 291 -25.96 1.82 -5.31
C GLN B 291 -25.01 2.37 -6.38
N GLU B 292 -24.29 3.44 -6.06
CA GLU B 292 -23.32 4.08 -7.00
C GLU B 292 -22.18 3.10 -7.26
N VAL B 293 -21.64 2.43 -6.24
CA VAL B 293 -20.61 1.38 -6.42
C VAL B 293 -21.15 0.24 -7.29
N VAL B 294 -22.39 -0.22 -7.06
CA VAL B 294 -23.02 -1.27 -7.91
C VAL B 294 -23.07 -0.78 -9.37
N ASP B 295 -23.64 0.40 -9.63
CA ASP B 295 -23.77 0.92 -11.02
C ASP B 295 -22.38 1.09 -11.65
N GLU B 296 -21.39 1.58 -10.90
CA GLU B 296 -20.01 1.78 -11.45
C GLU B 296 -19.41 0.42 -11.83
N TRP B 297 -19.58 -0.60 -11.00
CA TRP B 297 -18.99 -1.95 -11.27
C TRP B 297 -19.65 -2.52 -12.53
N ILE B 298 -20.97 -2.48 -12.64
CA ILE B 298 -21.68 -3.05 -13.82
C ILE B 298 -21.17 -2.34 -15.09
N ALA B 299 -21.02 -1.01 -15.10
CA ALA B 299 -20.48 -0.22 -16.23
C ALA B 299 -19.00 -0.59 -16.49
N GLU B 300 -18.16 -0.77 -15.45
CA GLU B 300 -16.76 -1.23 -15.64
C GLU B 300 -16.75 -2.63 -16.29
N ALA B 301 -17.51 -3.57 -15.72
CA ALA B 301 -17.62 -4.98 -16.18
C ALA B 301 -17.92 -4.96 -17.68
N GLU B 302 -18.93 -4.19 -18.11
CA GLU B 302 -19.43 -4.20 -19.52
C GLU B 302 -18.32 -3.73 -20.45
N GLU B 303 -17.43 -2.84 -19.99
CA GLU B 303 -16.35 -2.23 -20.83
C GLU B 303 -15.15 -3.19 -20.95
N LYS B 304 -14.92 -4.05 -19.95
CA LYS B 304 -13.88 -5.12 -19.96
C LYS B 304 -14.46 -6.47 -20.44
N GLY B 305 -15.63 -6.49 -21.09
CA GLY B 305 -16.20 -7.69 -21.77
C GLY B 305 -16.86 -8.72 -20.86
N LEU B 306 -17.25 -8.38 -19.63
CA LEU B 306 -18.12 -9.23 -18.76
C LEU B 306 -19.57 -8.72 -18.85
N ASP B 307 -20.54 -9.63 -18.74
CA ASP B 307 -21.97 -9.25 -18.61
C ASP B 307 -22.21 -8.91 -17.13
N GLY B 308 -21.74 -7.75 -16.69
CA GLY B 308 -21.84 -7.29 -15.30
C GLY B 308 -23.29 -7.32 -14.82
N GLN B 309 -24.21 -6.88 -15.68
CA GLN B 309 -25.66 -6.81 -15.31
C GLN B 309 -26.17 -8.24 -15.07
N MET B 310 -25.78 -9.19 -15.92
CA MET B 310 -26.23 -10.62 -15.81
C MET B 310 -25.61 -11.19 -14.54
N LEU B 311 -24.33 -10.92 -14.30
CA LEU B 311 -23.64 -11.52 -13.11
C LEU B 311 -24.26 -10.98 -11.80
N TYR B 312 -24.61 -9.71 -11.76
CA TYR B 312 -25.19 -9.09 -10.54
C TYR B 312 -26.60 -9.65 -10.30
N ASP B 313 -27.41 -9.76 -11.36
CA ASP B 313 -28.77 -10.33 -11.28
C ASP B 313 -28.73 -11.75 -10.70
N ASP B 314 -27.74 -12.55 -11.11
CA ASP B 314 -27.64 -13.98 -10.73
C ASP B 314 -27.17 -14.08 -9.27
N ALA B 315 -26.21 -13.25 -8.88
CA ALA B 315 -25.66 -13.25 -7.50
C ALA B 315 -26.78 -12.87 -6.52
N THR B 316 -27.51 -11.80 -6.85
CA THR B 316 -28.66 -11.30 -6.06
C THR B 316 -29.75 -12.36 -6.01
N ARG B 317 -30.13 -12.96 -7.16
CA ARG B 317 -31.18 -14.01 -7.21
C ARG B 317 -30.78 -15.16 -6.30
N LEU B 318 -29.51 -15.59 -6.38
CA LEU B 318 -29.00 -16.73 -5.59
C LEU B 318 -29.04 -16.41 -4.10
N VAL B 319 -28.65 -15.20 -3.66
CA VAL B 319 -28.69 -14.84 -2.22
C VAL B 319 -30.15 -14.94 -1.75
N GLU B 320 -31.09 -14.36 -2.50
CA GLU B 320 -32.50 -14.34 -2.09
C GLU B 320 -33.01 -15.79 -2.06
N ARG B 321 -32.75 -16.56 -3.12
CA ARG B 321 -33.15 -17.99 -3.20
C ARG B 321 -32.72 -18.69 -1.90
N TYR B 322 -31.45 -18.61 -1.49
CA TYR B 322 -30.93 -19.48 -0.40
C TYR B 322 -31.30 -18.92 0.97
N THR B 323 -31.48 -17.61 1.09
CA THR B 323 -31.93 -16.96 2.35
C THR B 323 -33.40 -17.33 2.59
N ARG B 324 -34.21 -17.26 1.54
CA ARG B 324 -35.67 -17.47 1.70
C ARG B 324 -35.86 -18.93 2.14
N ALA B 325 -35.16 -19.86 1.49
CA ALA B 325 -35.24 -21.33 1.76
C ALA B 325 -34.90 -21.62 3.23
N ALA B 326 -33.83 -21.01 3.73
CA ALA B 326 -33.35 -21.12 5.13
C ALA B 326 -34.42 -20.60 6.11
N ALA B 327 -35.10 -19.50 5.76
CA ALA B 327 -36.11 -18.83 6.61
C ALA B 327 -37.39 -19.70 6.67
N LEU B 328 -37.88 -20.16 5.50
CA LEU B 328 -39.08 -21.04 5.33
C LEU B 328 -38.92 -22.33 6.14
N GLU B 329 -37.71 -22.87 6.31
CA GLU B 329 -37.45 -23.85 7.42
C GLU B 329 -37.29 -23.02 8.70
C1 EDO C . 8.67 30.62 -0.96
O1 EDO C . 9.33 31.27 0.11
C2 EDO C . 7.21 30.47 -0.75
O2 EDO C . 6.59 31.72 -0.56
C1 HC4 D . 15.19 10.78 -8.89
O1 HC4 D . 14.87 9.76 -8.24
O2 HC4 D . 16.03 10.79 -9.81
C2 HC4 D . 14.50 12.05 -8.54
C3 HC4 D . 13.53 12.11 -7.60
C1' HC4 D . 12.55 13.17 -7.36
C2' HC4 D . 12.60 14.42 -7.97
C3' HC4 D . 11.62 15.37 -7.72
C4' HC4 D . 10.54 15.14 -6.88
C5' HC4 D . 10.48 13.89 -6.27
C6' HC4 D . 11.47 12.95 -6.49
O4' HC4 D . 9.58 16.11 -6.70
MG MG E . 29.53 30.70 -10.04
MG MG F . 0.38 -1.77 -17.80
C1 HC4 G . -10.27 -9.84 5.70
O1 HC4 G . -11.20 -9.03 5.72
O2 HC4 G . -9.13 -9.55 5.28
C2 HC4 G . -10.53 -11.24 6.19
C3 HC4 G . -11.75 -11.68 6.53
C1' HC4 G . -12.12 -12.90 7.26
C2' HC4 G . -13.33 -12.98 7.95
C3' HC4 G . -13.66 -14.09 8.71
C4' HC4 G . -12.79 -15.17 8.78
C5' HC4 G . -11.60 -15.13 8.08
C6' HC4 G . -11.25 -13.99 7.36
O4' HC4 G . -13.10 -16.28 9.50
MG MG H . -1.44 -27.59 -9.46
#